data_4H6A
#
_entry.id   4H6A
#
_cell.length_a   67.589
_cell.length_b   115.396
_cell.length_c   87.027
_cell.angle_alpha   90.000
_cell.angle_beta   91.580
_cell.angle_gamma   90.000
#
_symmetry.space_group_name_H-M   'P 1 21 1'
#
loop_
_entity.id
_entity.type
_entity.pdbx_description
1 polymer 'Allene oxide cyclase'
2 non-polymer (4S)-2-METHYL-2,4-PENTANEDIOL
3 non-polymer 'ISOPROPYL ALCOHOL'
4 non-polymer 'SULFATE ION'
5 non-polymer (4R)-2-METHYLPENTANE-2,4-DIOL
6 water water
#
_entity_poly.entity_id   1
_entity_poly.type   'polypeptide(L)'
_entity_poly.pdbx_seq_one_letter_code
;GGPLGSMGNKVDKLAGVQELSVYEINERDRGSPVILPFGGKKDENGAHANSLGDLVPFSNKVYDGSLQRRLGITAGICTL
ISHNAEKKGDRYEAQYSFYFGDYGHISVQGPYITYEDTELVVTGGTGIFAGCHGVAKLHQIIFPVKLFYTFYLQGIKKLP
EELCASVVPPSPSAEPSEQAKKCHPSSVAPNFTN
;
_entity_poly.pdbx_strand_id   A,B,C,D,E,F
#
loop_
_chem_comp.id
_chem_comp.type
_chem_comp.name
_chem_comp.formula
IPA non-polymer 'ISOPROPYL ALCOHOL' 'C3 H8 O'
MPD non-polymer (4S)-2-METHYL-2,4-PENTANEDIOL 'C6 H14 O2'
MRD non-polymer (4R)-2-METHYLPENTANE-2,4-DIOL 'C6 H14 O2'
SO4 non-polymer 'SULFATE ION' 'O4 S -2'
#
# COMPACT_ATOMS: atom_id res chain seq x y z
N GLY A 1 -45.53 -12.41 -23.89
CA GLY A 1 -46.17 -11.43 -23.04
C GLY A 1 -45.16 -10.59 -22.27
N GLY A 2 -45.47 -10.28 -21.02
CA GLY A 2 -44.59 -9.46 -20.22
C GLY A 2 -44.99 -9.14 -18.79
N PRO A 3 -45.96 -8.24 -18.62
CA PRO A 3 -46.21 -7.59 -17.32
C PRO A 3 -46.48 -8.57 -16.18
N LEU A 4 -47.56 -9.35 -16.29
CA LEU A 4 -47.91 -10.30 -15.24
C LEU A 4 -46.92 -11.46 -15.18
N GLY A 5 -46.30 -11.76 -16.32
CA GLY A 5 -45.27 -12.77 -16.37
C GLY A 5 -44.01 -12.29 -15.69
N SER A 6 -43.60 -11.05 -16.02
CA SER A 6 -42.43 -10.45 -15.39
C SER A 6 -42.60 -10.41 -13.88
N MET A 7 -43.76 -9.93 -13.43
CA MET A 7 -44.03 -9.85 -12.00
C MET A 7 -43.99 -11.24 -11.37
N GLY A 8 -44.60 -12.21 -12.05
CA GLY A 8 -44.64 -13.58 -11.56
C GLY A 8 -43.26 -14.17 -11.36
N ASN A 9 -42.40 -14.04 -12.36
CA ASN A 9 -41.04 -14.58 -12.28
C ASN A 9 -40.23 -13.91 -11.17
N LYS A 10 -40.49 -12.63 -10.93
CA LYS A 10 -39.81 -11.89 -9.87
C LYS A 10 -40.23 -12.45 -8.51
N VAL A 11 -41.53 -12.67 -8.35
CA VAL A 11 -42.05 -13.26 -7.13
C VAL A 11 -41.57 -14.70 -6.96
N ASP A 12 -41.63 -15.47 -8.05
CA ASP A 12 -41.15 -16.85 -8.02
C ASP A 12 -39.76 -16.95 -7.41
N LYS A 13 -38.87 -16.06 -7.85
CA LYS A 13 -37.49 -16.06 -7.38
C LYS A 13 -37.38 -15.67 -5.90
N LEU A 14 -38.10 -14.64 -5.51
CA LEU A 14 -38.13 -14.20 -4.11
C LEU A 14 -38.60 -15.32 -3.21
N ALA A 15 -39.56 -16.10 -3.68
CA ALA A 15 -40.15 -17.16 -2.86
C ALA A 15 -39.49 -18.54 -3.02
N GLY A 16 -38.82 -18.76 -4.15
CA GLY A 16 -38.34 -20.09 -4.50
C GLY A 16 -37.27 -20.66 -3.56
N VAL A 17 -37.33 -21.97 -3.34
CA VAL A 17 -36.37 -22.64 -2.45
C VAL A 17 -35.57 -23.72 -3.18
N GLN A 18 -34.26 -23.71 -2.97
CA GLN A 18 -33.36 -24.70 -3.57
C GLN A 18 -32.58 -25.42 -2.47
N GLU A 19 -32.39 -26.72 -2.64
CA GLU A 19 -31.60 -27.47 -1.67
C GLU A 19 -30.16 -27.64 -2.13
N LEU A 20 -29.26 -27.73 -1.15
CA LEU A 20 -27.84 -27.89 -1.39
C LEU A 20 -27.26 -28.72 -0.26
N SER A 21 -26.65 -29.85 -0.59
CA SER A 21 -26.06 -30.72 0.41
C SER A 21 -24.53 -30.70 0.34
N VAL A 22 -23.89 -30.68 1.50
CA VAL A 22 -22.43 -30.75 1.57
C VAL A 22 -21.97 -31.62 2.74
N TYR A 23 -20.73 -32.06 2.69
CA TYR A 23 -20.11 -32.79 3.80
C TYR A 23 -19.08 -31.92 4.50
N GLU A 24 -19.13 -31.89 5.82
CA GLU A 24 -18.09 -31.19 6.60
C GLU A 24 -17.22 -32.22 7.33
N ILE A 25 -15.93 -32.21 7.03
CA ILE A 25 -15.03 -33.21 7.63
C ILE A 25 -13.84 -32.56 8.32
N ASN A 26 -13.65 -32.91 9.59
CA ASN A 26 -12.43 -32.55 10.32
C ASN A 26 -11.36 -33.58 10.05
N GLU A 27 -10.40 -33.25 9.18
CA GLU A 27 -9.36 -34.21 8.83
C GLU A 27 -8.14 -34.09 9.75
N ARG A 28 -8.33 -33.40 10.88
CA ARG A 28 -7.29 -33.25 11.89
C ARG A 28 -5.95 -32.81 11.31
N ASP A 29 -6.00 -31.81 10.44
CA ASP A 29 -4.78 -31.27 9.85
C ASP A 29 -4.72 -29.75 9.93
N ARG A 30 -5.69 -29.14 10.61
CA ARG A 30 -5.78 -27.68 10.68
C ARG A 30 -5.64 -27.14 12.10
N GLY A 31 -5.21 -27.99 13.02
CA GLY A 31 -5.13 -27.62 14.43
C GLY A 31 -6.49 -27.35 15.04
N SER A 32 -7.54 -27.84 14.39
CA SER A 32 -8.92 -27.57 14.80
C SER A 32 -9.59 -28.82 15.35
N PRO A 33 -10.47 -28.66 16.35
CA PRO A 33 -10.86 -27.38 16.93
C PRO A 33 -9.91 -26.99 18.06
N VAL A 34 -9.96 -25.74 18.53
CA VAL A 34 -9.25 -25.38 19.77
C VAL A 34 -10.20 -25.14 20.92
N ILE A 35 -9.81 -25.63 22.08
CA ILE A 35 -10.56 -25.40 23.29
C ILE A 35 -10.04 -24.16 24.01
N LEU A 36 -10.95 -23.24 24.27
CA LEU A 36 -10.63 -22.08 25.11
C LEU A 36 -11.41 -22.24 26.42
N PRO A 37 -10.78 -22.92 27.39
CA PRO A 37 -11.33 -23.47 28.64
C PRO A 37 -11.80 -22.40 29.61
N PHE A 38 -12.44 -21.36 29.09
CA PHE A 38 -12.74 -20.17 29.87
C PHE A 38 -13.73 -20.39 31.02
N GLY A 39 -14.62 -21.36 30.87
CA GLY A 39 -15.49 -21.74 31.97
C GLY A 39 -14.65 -22.04 33.20
N GLY A 40 -13.60 -22.83 33.00
CA GLY A 40 -12.59 -23.04 34.02
C GLY A 40 -13.01 -23.87 35.23
N LYS A 41 -13.95 -24.78 35.03
CA LYS A 41 -14.38 -25.64 36.12
C LYS A 41 -13.55 -26.93 36.15
N LYS A 42 -12.80 -27.13 37.23
CA LYS A 42 -11.95 -28.31 37.33
C LYS A 42 -12.68 -29.49 37.98
N ASP A 43 -12.20 -30.70 37.67
CA ASP A 43 -12.77 -31.92 38.22
C ASP A 43 -11.88 -32.50 39.32
N GLU A 44 -12.00 -33.81 39.53
CA GLU A 44 -11.31 -34.47 40.63
C GLU A 44 -9.85 -34.86 40.35
N ASN A 45 -9.50 -34.98 39.07
CA ASN A 45 -8.18 -35.47 38.68
C ASN A 45 -7.13 -34.38 38.48
N GLY A 46 -7.55 -33.22 37.99
CA GLY A 46 -6.64 -32.17 37.61
C GLY A 46 -6.74 -31.97 36.10
N ALA A 47 -7.98 -31.98 35.62
CA ALA A 47 -8.23 -31.93 34.19
C ALA A 47 -9.23 -30.82 33.84
N HIS A 48 -9.69 -30.84 32.59
CA HIS A 48 -10.69 -29.89 32.13
C HIS A 48 -12.10 -30.43 32.35
N ALA A 49 -13.01 -29.56 32.77
CA ALA A 49 -14.42 -29.92 32.85
C ALA A 49 -15.28 -28.86 32.17
N ASN A 50 -16.14 -29.32 31.25
CA ASN A 50 -17.00 -28.42 30.49
C ASN A 50 -17.86 -27.54 31.37
N SER A 51 -17.92 -26.25 31.06
CA SER A 51 -18.82 -25.35 31.78
C SER A 51 -19.23 -24.16 30.90
N LEU A 52 -20.44 -23.67 31.13
CA LEU A 52 -20.98 -22.54 30.38
C LEU A 52 -19.91 -21.47 30.13
N GLY A 53 -19.65 -21.19 28.86
CA GLY A 53 -18.71 -20.13 28.54
C GLY A 53 -17.44 -20.59 27.86
N ASP A 54 -17.23 -21.89 27.83
CA ASP A 54 -16.10 -22.45 27.09
C ASP A 54 -16.30 -22.13 25.62
N LEU A 55 -15.31 -21.51 25.00
CA LEU A 55 -15.39 -21.12 23.61
C LEU A 55 -14.58 -22.06 22.73
N VAL A 56 -15.12 -22.38 21.56
CA VAL A 56 -14.48 -23.35 20.67
C VAL A 56 -14.45 -22.82 19.24
N PRO A 57 -13.34 -22.14 18.87
CA PRO A 57 -13.12 -21.77 17.47
C PRO A 57 -12.84 -23.03 16.66
N PHE A 58 -13.26 -23.06 15.40
CA PHE A 58 -13.09 -24.26 14.60
C PHE A 58 -13.07 -23.95 13.11
N SER A 59 -12.50 -24.88 12.34
CA SER A 59 -12.47 -24.76 10.89
C SER A 59 -12.21 -26.13 10.26
N ASN A 60 -13.20 -26.63 9.52
CA ASN A 60 -13.10 -27.94 8.88
C ASN A 60 -13.17 -27.82 7.36
N LYS A 61 -12.92 -28.93 6.66
CA LYS A 61 -13.01 -28.94 5.21
C LYS A 61 -14.45 -29.17 4.73
N VAL A 62 -14.78 -28.65 3.55
CA VAL A 62 -16.10 -28.83 2.96
C VAL A 62 -16.01 -29.47 1.58
N TYR A 63 -16.70 -30.59 1.42
CA TYR A 63 -16.77 -31.30 0.14
C TYR A 63 -18.21 -31.23 -0.39
N ASP A 64 -18.38 -31.41 -1.70
CA ASP A 64 -19.73 -31.36 -2.27
C ASP A 64 -20.54 -32.60 -1.91
N GLY A 65 -21.82 -32.61 -2.29
CA GLY A 65 -22.72 -33.69 -1.94
C GLY A 65 -22.32 -35.04 -2.51
N SER A 66 -21.71 -35.04 -3.69
CA SER A 66 -21.29 -36.27 -4.33
C SER A 66 -19.94 -36.74 -3.79
N LEU A 67 -19.31 -35.90 -2.99
CA LEU A 67 -18.02 -36.21 -2.38
C LEU A 67 -16.88 -36.33 -3.39
N GLN A 68 -17.07 -35.75 -4.57
CA GLN A 68 -16.07 -35.81 -5.63
C GLN A 68 -15.32 -34.49 -5.79
N ARG A 69 -15.72 -33.47 -5.03
CA ARG A 69 -15.12 -32.16 -5.17
C ARG A 69 -14.90 -31.44 -3.84
N ARG A 70 -13.68 -30.97 -3.62
CA ARG A 70 -13.38 -30.14 -2.46
C ARG A 70 -13.87 -28.72 -2.73
N LEU A 71 -14.77 -28.23 -1.89
CA LEU A 71 -15.36 -26.91 -2.09
C LEU A 71 -14.67 -25.81 -1.30
N GLY A 72 -14.43 -26.06 -0.02
CA GLY A 72 -13.77 -25.06 0.82
C GLY A 72 -13.68 -25.47 2.27
N ILE A 73 -14.12 -24.57 3.15
CA ILE A 73 -14.00 -24.78 4.59
C ILE A 73 -15.20 -24.19 5.33
N THR A 74 -15.36 -24.63 6.58
CA THR A 74 -16.18 -23.89 7.53
C THR A 74 -15.22 -23.07 8.39
N ALA A 75 -15.71 -21.98 8.95
CA ALA A 75 -14.93 -21.18 9.88
C ALA A 75 -15.86 -20.47 10.85
N GLY A 76 -15.56 -20.56 12.15
CA GLY A 76 -16.37 -19.89 13.14
C GLY A 76 -16.14 -20.30 14.57
N ILE A 77 -17.16 -20.12 15.40
CA ILE A 77 -17.04 -20.39 16.83
C ILE A 77 -18.30 -21.04 17.43
N CYS A 78 -18.07 -21.87 18.44
CA CYS A 78 -19.14 -22.45 19.25
C CYS A 78 -18.99 -21.97 20.68
N THR A 79 -20.11 -21.72 21.34
CA THR A 79 -20.08 -21.42 22.77
C THR A 79 -20.86 -22.49 23.53
N LEU A 80 -20.24 -23.06 24.54
CA LEU A 80 -20.89 -24.07 25.37
C LEU A 80 -22.02 -23.45 26.19
N ILE A 81 -23.21 -24.04 26.10
CA ILE A 81 -24.39 -23.52 26.79
C ILE A 81 -24.80 -24.39 27.98
N SER A 82 -24.93 -25.69 27.74
CA SER A 82 -25.32 -26.61 28.80
C SER A 82 -24.71 -27.99 28.57
N HIS A 83 -24.56 -28.77 29.64
CA HIS A 83 -23.89 -30.05 29.56
C HIS A 83 -24.14 -30.89 30.79
N ASN A 84 -23.91 -32.20 30.67
CA ASN A 84 -23.90 -33.08 31.83
C ASN A 84 -23.06 -34.34 31.54
N ALA A 85 -23.20 -35.35 32.40
CA ALA A 85 -22.36 -36.53 32.32
C ALA A 85 -22.58 -37.40 31.08
N GLU A 86 -23.72 -37.19 30.42
CA GLU A 86 -24.07 -37.97 29.23
C GLU A 86 -23.35 -37.45 27.99
N LYS A 87 -22.92 -38.35 27.12
CA LYS A 87 -22.30 -37.95 25.86
C LYS A 87 -23.26 -37.11 25.04
N LYS A 88 -24.51 -37.57 24.95
CA LYS A 88 -25.51 -36.93 24.11
C LYS A 88 -26.20 -35.76 24.80
N GLY A 89 -26.45 -34.70 24.06
CA GLY A 89 -27.29 -33.62 24.56
C GLY A 89 -26.59 -32.34 25.00
N ASP A 90 -25.27 -32.31 24.98
CA ASP A 90 -24.55 -31.07 25.27
C ASP A 90 -24.93 -30.02 24.22
N ARG A 91 -25.27 -28.82 24.67
CA ARG A 91 -25.73 -27.76 23.77
C ARG A 91 -24.71 -26.64 23.58
N TYR A 92 -24.45 -26.31 22.31
CA TYR A 92 -23.63 -25.16 21.95
C TYR A 92 -24.44 -24.19 21.11
N GLU A 93 -24.12 -22.90 21.22
CA GLU A 93 -24.67 -21.89 20.31
C GLU A 93 -23.55 -21.47 19.36
N ALA A 94 -23.80 -21.53 18.06
CA ALA A 94 -22.73 -21.34 17.09
C ALA A 94 -23.02 -20.24 16.07
N GLN A 95 -21.95 -19.60 15.61
CA GLN A 95 -22.02 -18.69 14.47
C GLN A 95 -20.82 -19.01 13.58
N TYR A 96 -21.09 -19.40 12.34
CA TYR A 96 -20.00 -19.71 11.42
C TYR A 96 -20.43 -19.62 9.97
N SER A 97 -19.46 -19.74 9.07
CA SER A 97 -19.73 -19.62 7.64
C SER A 97 -19.18 -20.83 6.88
N PHE A 98 -19.80 -21.08 5.73
CA PHE A 98 -19.34 -22.10 4.79
C PHE A 98 -18.77 -21.38 3.59
N TYR A 99 -17.49 -21.62 3.31
CA TYR A 99 -16.81 -20.98 2.19
C TYR A 99 -16.70 -21.92 0.98
N PHE A 100 -17.19 -21.46 -0.16
CA PHE A 100 -17.25 -22.26 -1.38
C PHE A 100 -16.32 -21.72 -2.47
N GLY A 101 -15.12 -21.28 -2.09
CA GLY A 101 -14.23 -20.66 -3.06
C GLY A 101 -14.87 -19.48 -3.75
N ASP A 102 -14.66 -19.37 -5.06
CA ASP A 102 -15.18 -18.22 -5.82
C ASP A 102 -16.70 -18.17 -5.92
N TYR A 103 -17.38 -19.25 -5.58
CA TYR A 103 -18.84 -19.26 -5.62
C TYR A 103 -19.41 -18.28 -4.60
N GLY A 104 -18.70 -18.11 -3.49
CA GLY A 104 -19.14 -17.25 -2.41
C GLY A 104 -19.20 -18.01 -1.10
N HIS A 105 -19.94 -17.47 -0.14
CA HIS A 105 -20.10 -18.16 1.15
C HIS A 105 -21.51 -18.06 1.72
N ILE A 106 -21.81 -18.92 2.69
CA ILE A 106 -23.08 -18.93 3.38
C ILE A 106 -22.83 -18.82 4.88
N SER A 107 -23.56 -17.92 5.54
CA SER A 107 -23.40 -17.77 6.99
C SER A 107 -24.57 -18.39 7.76
N VAL A 108 -24.25 -18.97 8.91
CA VAL A 108 -25.26 -19.61 9.73
C VAL A 108 -25.15 -19.24 11.21
N GLN A 109 -26.25 -19.42 11.93
CA GLN A 109 -26.34 -19.10 13.34
C GLN A 109 -27.36 -20.06 13.94
N GLY A 110 -27.01 -20.70 15.05
CA GLY A 110 -27.94 -21.62 15.69
C GLY A 110 -27.33 -22.71 16.54
N PRO A 111 -28.13 -23.74 16.85
CA PRO A 111 -27.77 -24.80 17.80
C PRO A 111 -26.88 -25.91 17.24
N TYR A 112 -25.88 -26.28 18.02
CA TYR A 112 -25.12 -27.50 17.79
C TYR A 112 -25.26 -28.34 19.04
N ILE A 113 -25.82 -29.54 18.90
CA ILE A 113 -26.07 -30.40 20.05
C ILE A 113 -25.42 -31.77 19.85
N THR A 114 -24.60 -32.19 20.81
CA THR A 114 -23.87 -33.45 20.67
C THR A 114 -24.80 -34.63 20.43
N TYR A 115 -24.57 -35.36 19.34
CA TYR A 115 -25.34 -36.55 19.00
C TYR A 115 -26.80 -36.30 18.68
N GLU A 116 -27.11 -35.09 18.24
CA GLU A 116 -28.47 -34.75 17.84
C GLU A 116 -28.47 -33.91 16.58
N ASP A 117 -29.38 -34.23 15.66
CA ASP A 117 -29.59 -33.39 14.48
C ASP A 117 -30.20 -32.07 14.91
N THR A 118 -29.74 -30.97 14.31
CA THR A 118 -30.32 -29.67 14.59
C THR A 118 -30.52 -28.88 13.30
N GLU A 119 -31.29 -27.79 13.40
CA GLU A 119 -31.48 -26.91 12.27
C GLU A 119 -30.95 -25.52 12.62
N LEU A 120 -30.18 -24.95 11.70
CA LEU A 120 -29.62 -23.62 11.93
C LEU A 120 -30.21 -22.61 10.96
N VAL A 121 -30.15 -21.34 11.34
CA VAL A 121 -30.58 -20.25 10.48
C VAL A 121 -29.51 -19.91 9.46
N VAL A 122 -29.92 -19.80 8.19
CA VAL A 122 -29.03 -19.24 7.18
C VAL A 122 -29.22 -17.73 7.18
N THR A 123 -28.22 -17.02 7.67
CA THR A 123 -28.35 -15.58 7.85
C THR A 123 -28.14 -14.80 6.56
N GLY A 124 -27.58 -15.47 5.56
CA GLY A 124 -27.37 -14.86 4.26
C GLY A 124 -26.18 -15.46 3.55
N GLY A 125 -25.78 -14.84 2.45
CA GLY A 125 -24.63 -15.32 1.70
C GLY A 125 -24.06 -14.28 0.77
N THR A 126 -22.99 -14.65 0.07
CA THR A 126 -22.33 -13.75 -0.89
C THR A 126 -22.14 -14.48 -2.21
N GLY A 127 -21.69 -13.77 -3.23
CA GLY A 127 -21.49 -14.37 -4.54
C GLY A 127 -22.81 -14.91 -5.08
N ILE A 128 -22.80 -16.18 -5.52
CA ILE A 128 -24.02 -16.79 -6.05
C ILE A 128 -25.07 -16.96 -4.94
N PHE A 129 -24.64 -16.79 -3.70
CA PHE A 129 -25.55 -16.94 -2.56
C PHE A 129 -26.07 -15.60 -2.05
N ALA A 130 -25.64 -14.51 -2.67
CA ALA A 130 -26.03 -13.16 -2.24
C ALA A 130 -27.52 -12.99 -2.06
N GLY A 131 -27.93 -12.59 -0.85
CA GLY A 131 -29.32 -12.27 -0.59
C GLY A 131 -30.17 -13.45 -0.16
N CYS A 132 -29.56 -14.64 -0.07
CA CYS A 132 -30.32 -15.83 0.29
C CYS A 132 -30.80 -15.77 1.74
N HIS A 133 -31.82 -16.56 2.04
CA HIS A 133 -32.20 -16.84 3.42
C HIS A 133 -32.80 -18.24 3.51
N GLY A 134 -33.02 -18.72 4.73
CA GLY A 134 -33.55 -20.06 4.91
C GLY A 134 -32.92 -20.79 6.09
N VAL A 135 -32.77 -22.10 5.95
CA VAL A 135 -32.27 -22.94 7.04
C VAL A 135 -31.24 -23.96 6.58
N ALA A 136 -30.49 -24.51 7.54
CA ALA A 136 -29.53 -25.56 7.25
C ALA A 136 -29.74 -26.74 8.21
N LYS A 137 -29.95 -27.93 7.68
CA LYS A 137 -30.12 -29.11 8.51
C LYS A 137 -28.77 -29.77 8.79
N LEU A 138 -28.43 -29.89 10.07
CA LEU A 138 -27.15 -30.47 10.47
C LEU A 138 -27.34 -31.91 10.93
N HIS A 139 -26.61 -32.83 10.32
CA HIS A 139 -26.65 -34.23 10.72
C HIS A 139 -25.25 -34.75 10.99
N GLN A 140 -25.04 -35.27 12.20
CA GLN A 140 -23.73 -35.79 12.60
C GLN A 140 -23.63 -37.26 12.20
N ILE A 141 -22.66 -37.57 11.34
CA ILE A 141 -22.45 -38.95 10.90
C ILE A 141 -21.50 -39.68 11.85
N ILE A 142 -20.32 -39.11 12.04
CA ILE A 142 -19.38 -39.61 13.02
C ILE A 142 -18.98 -38.46 13.93
N PHE A 143 -19.56 -38.41 15.11
CA PHE A 143 -19.27 -37.35 16.07
C PHE A 143 -17.82 -37.45 16.54
N PRO A 144 -17.07 -36.33 16.47
CA PRO A 144 -17.47 -35.04 15.95
C PRO A 144 -16.73 -34.65 14.67
N VAL A 145 -16.26 -35.64 13.91
CA VAL A 145 -15.36 -35.37 12.79
C VAL A 145 -16.00 -35.41 11.39
N LYS A 146 -17.19 -36.00 11.28
CA LYS A 146 -17.85 -36.10 9.98
C LYS A 146 -19.32 -35.68 10.05
N LEU A 147 -19.62 -34.52 9.46
CA LEU A 147 -20.98 -34.00 9.48
C LEU A 147 -21.55 -33.85 8.07
N PHE A 148 -22.87 -33.76 7.99
CA PHE A 148 -23.56 -33.62 6.71
C PHE A 148 -24.62 -32.52 6.83
N TYR A 149 -24.67 -31.62 5.85
CA TYR A 149 -25.64 -30.54 5.85
C TYR A 149 -26.49 -30.54 4.59
N THR A 150 -27.76 -30.19 4.73
CA THR A 150 -28.56 -29.82 3.58
C THR A 150 -29.12 -28.42 3.80
N PHE A 151 -28.75 -27.51 2.91
CA PHE A 151 -29.25 -26.13 2.97
C PHE A 151 -30.54 -26.02 2.19
N TYR A 152 -31.51 -25.29 2.74
CA TYR A 152 -32.72 -24.95 1.98
C TYR A 152 -32.74 -23.43 1.77
N LEU A 153 -32.29 -23.03 0.58
CA LEU A 153 -31.99 -21.63 0.30
C LEU A 153 -33.10 -20.93 -0.49
N GLN A 154 -33.56 -19.81 0.04
CA GLN A 154 -34.61 -19.01 -0.59
C GLN A 154 -34.06 -17.72 -1.16
N GLY A 155 -34.57 -17.32 -2.33
CA GLY A 155 -34.33 -15.99 -2.85
C GLY A 155 -33.23 -15.80 -3.88
N ILE A 156 -32.58 -16.89 -4.28
CA ILE A 156 -31.44 -16.77 -5.20
C ILE A 156 -31.67 -17.48 -6.53
N LYS A 157 -30.80 -17.21 -7.49
CA LYS A 157 -30.89 -17.81 -8.81
C LYS A 157 -30.45 -19.26 -8.81
N LYS A 158 -30.82 -19.99 -9.86
CA LYS A 158 -30.53 -21.41 -9.99
C LYS A 158 -29.07 -21.72 -9.70
N LEU A 159 -28.84 -22.65 -8.76
CA LEU A 159 -27.50 -23.11 -8.43
C LEU A 159 -26.84 -23.76 -9.64
N PRO A 160 -25.51 -23.59 -9.78
CA PRO A 160 -24.78 -24.23 -10.88
C PRO A 160 -24.76 -25.74 -10.70
N GLU A 161 -24.67 -26.48 -11.79
CA GLU A 161 -24.75 -27.94 -11.75
C GLU A 161 -23.64 -28.58 -10.93
N GLU A 162 -22.45 -28.00 -10.96
CA GLU A 162 -21.32 -28.53 -10.21
C GLU A 162 -21.63 -28.69 -8.72
N LEU A 163 -22.58 -27.90 -8.23
CA LEU A 163 -22.95 -27.95 -6.82
C LEU A 163 -24.21 -28.78 -6.58
N CYS A 164 -24.79 -29.32 -7.66
CA CYS A 164 -26.03 -30.07 -7.56
C CYS A 164 -25.92 -31.53 -8.02
N ALA A 165 -24.73 -32.11 -7.89
CA ALA A 165 -24.51 -33.49 -8.31
C ALA A 165 -25.24 -34.47 -7.39
N SER A 166 -25.51 -35.67 -7.88
CA SER A 166 -26.17 -36.70 -7.08
C SER A 166 -25.46 -36.88 -5.74
N VAL A 167 -26.23 -36.83 -4.66
CA VAL A 167 -25.66 -36.85 -3.31
C VAL A 167 -25.42 -38.27 -2.82
N VAL A 168 -24.21 -38.52 -2.32
CA VAL A 168 -23.92 -39.80 -1.68
C VAL A 168 -24.70 -39.87 -0.38
N PRO A 169 -25.46 -40.97 -0.18
CA PRO A 169 -26.19 -41.10 1.09
C PRO A 169 -25.24 -41.04 2.27
N PRO A 170 -25.54 -40.18 3.26
CA PRO A 170 -24.63 -39.99 4.38
C PRO A 170 -24.57 -41.21 5.30
N SER A 171 -23.38 -41.81 5.38
CA SER A 171 -23.14 -42.93 6.27
C SER A 171 -21.68 -42.87 6.74
N PRO A 172 -21.37 -43.56 7.83
CA PRO A 172 -20.00 -43.54 8.37
C PRO A 172 -18.94 -43.91 7.32
N SER A 173 -19.32 -44.69 6.32
CA SER A 173 -18.36 -45.14 5.30
C SER A 173 -18.19 -44.14 4.15
N ALA A 174 -19.00 -43.09 4.15
CA ALA A 174 -18.91 -42.07 3.10
C ALA A 174 -17.61 -41.27 3.19
N GLU A 175 -16.83 -41.29 2.11
CA GLU A 175 -15.53 -40.65 2.08
C GLU A 175 -15.34 -39.86 0.79
N PRO A 176 -14.59 -38.75 0.87
CA PRO A 176 -14.27 -37.99 -0.33
C PRO A 176 -13.37 -38.82 -1.24
N SER A 177 -13.39 -38.54 -2.55
CA SER A 177 -12.53 -39.27 -3.47
C SER A 177 -11.07 -38.91 -3.21
N GLU A 178 -10.17 -39.76 -3.68
CA GLU A 178 -8.74 -39.49 -3.53
C GLU A 178 -8.34 -38.18 -4.20
N GLN A 179 -8.95 -37.91 -5.35
CA GLN A 179 -8.70 -36.68 -6.08
C GLN A 179 -9.05 -35.46 -5.24
N ALA A 180 -10.23 -35.51 -4.62
CA ALA A 180 -10.72 -34.40 -3.81
C ALA A 180 -9.84 -34.18 -2.57
N LYS A 181 -9.48 -35.27 -1.90
CA LYS A 181 -8.63 -35.18 -0.71
C LYS A 181 -7.32 -34.50 -1.00
N LYS A 182 -6.73 -34.81 -2.16
CA LYS A 182 -5.45 -34.25 -2.55
C LYS A 182 -5.59 -32.93 -3.31
N CYS A 183 -6.82 -32.46 -3.44
CA CYS A 183 -7.10 -31.19 -4.11
C CYS A 183 -6.59 -31.16 -5.54
N HIS A 184 -6.85 -32.24 -6.28
CA HIS A 184 -6.53 -32.31 -7.70
C HIS A 184 -7.37 -31.28 -8.46
N PRO A 185 -6.75 -30.58 -9.42
CA PRO A 185 -7.38 -29.47 -10.16
C PRO A 185 -8.74 -29.83 -10.75
N SER A 186 -8.97 -31.11 -11.04
CA SER A 186 -10.24 -31.53 -11.62
C SER A 186 -11.28 -31.77 -10.54
N SER A 187 -10.88 -31.67 -9.28
CA SER A 187 -11.76 -32.04 -8.18
C SER A 187 -11.86 -30.94 -7.10
N VAL A 188 -11.74 -29.69 -7.52
CA VAL A 188 -11.89 -28.57 -6.59
C VAL A 188 -12.78 -27.48 -7.18
N ALA A 189 -13.40 -26.70 -6.31
CA ALA A 189 -14.12 -25.49 -6.74
C ALA A 189 -13.10 -24.44 -7.15
N PRO A 190 -13.50 -23.53 -8.06
CA PRO A 190 -12.59 -22.46 -8.49
C PRO A 190 -12.00 -21.73 -7.28
N ASN A 191 -10.67 -21.76 -7.15
CA ASN A 191 -10.00 -21.18 -6.01
C ASN A 191 -10.62 -21.61 -4.69
N PHE A 192 -10.85 -22.92 -4.55
CA PHE A 192 -11.41 -23.50 -3.33
C PHE A 192 -10.75 -22.90 -2.09
N THR A 193 -11.56 -22.67 -1.05
CA THR A 193 -11.06 -22.04 0.16
C THR A 193 -10.25 -23.02 1.01
N ASN A 194 -9.10 -22.56 1.49
CA ASN A 194 -8.24 -23.40 2.32
C ASN A 194 -7.67 -22.65 3.51
N GLY B 1 -52.80 3.91 -12.27
CA GLY B 1 -52.50 3.47 -10.93
C GLY B 1 -53.64 2.72 -10.29
N GLY B 2 -53.33 1.58 -9.69
CA GLY B 2 -54.35 0.75 -9.06
C GLY B 2 -53.83 -0.54 -8.48
N PRO B 3 -54.55 -1.65 -8.74
CA PRO B 3 -54.28 -2.96 -8.14
C PRO B 3 -52.93 -3.52 -8.55
N LEU B 4 -52.65 -3.52 -9.86
CA LEU B 4 -51.40 -4.06 -10.37
C LEU B 4 -50.20 -3.13 -10.12
N GLY B 5 -50.46 -1.84 -10.05
CA GLY B 5 -49.44 -0.89 -9.68
C GLY B 5 -49.01 -1.12 -8.24
N SER B 6 -50.00 -1.34 -7.38
CA SER B 6 -49.75 -1.63 -5.98
C SER B 6 -48.85 -2.84 -5.85
N MET B 7 -49.28 -3.97 -6.41
CA MET B 7 -48.52 -5.22 -6.31
C MET B 7 -47.10 -5.06 -6.87
N GLY B 8 -47.01 -4.43 -8.04
CA GLY B 8 -45.72 -4.18 -8.67
C GLY B 8 -44.77 -3.41 -7.77
N ASN B 9 -45.24 -2.31 -7.21
CA ASN B 9 -44.44 -1.50 -6.29
C ASN B 9 -43.98 -2.27 -5.06
N LYS B 10 -44.84 -3.14 -4.55
CA LYS B 10 -44.49 -3.97 -3.40
C LYS B 10 -43.33 -4.89 -3.78
N VAL B 11 -43.46 -5.54 -4.93
CA VAL B 11 -42.40 -6.43 -5.43
C VAL B 11 -41.12 -5.64 -5.69
N ASP B 12 -41.26 -4.45 -6.25
CA ASP B 12 -40.12 -3.58 -6.53
C ASP B 12 -39.30 -3.31 -5.28
N LYS B 13 -39.98 -3.04 -4.18
CA LYS B 13 -39.31 -2.79 -2.90
C LYS B 13 -38.60 -4.04 -2.40
N LEU B 14 -39.31 -5.16 -2.42
CA LEU B 14 -38.77 -6.44 -1.96
C LEU B 14 -37.50 -6.85 -2.70
N ALA B 15 -37.45 -6.52 -3.99
CA ALA B 15 -36.32 -6.93 -4.83
C ALA B 15 -35.25 -5.84 -5.00
N GLY B 16 -35.63 -4.59 -4.73
CA GLY B 16 -34.75 -3.46 -4.99
C GLY B 16 -33.48 -3.46 -4.14
N VAL B 17 -32.38 -3.02 -4.74
CA VAL B 17 -31.11 -2.93 -4.02
C VAL B 17 -30.52 -1.52 -4.08
N GLN B 18 -30.10 -1.01 -2.93
CA GLN B 18 -29.48 0.31 -2.85
C GLN B 18 -28.05 0.23 -2.36
N GLU B 19 -27.20 1.13 -2.87
CA GLU B 19 -25.82 1.22 -2.41
C GLU B 19 -25.67 2.24 -1.29
N LEU B 20 -24.84 1.91 -0.32
CA LEU B 20 -24.51 2.82 0.77
C LEU B 20 -23.04 2.60 1.14
N SER B 21 -22.24 3.66 1.07
CA SER B 21 -20.81 3.55 1.36
C SER B 21 -20.42 4.34 2.62
N VAL B 22 -19.52 3.76 3.40
CA VAL B 22 -19.04 4.40 4.62
C VAL B 22 -17.55 4.12 4.82
N TYR B 23 -16.89 4.97 5.61
CA TYR B 23 -15.51 4.72 5.99
C TYR B 23 -15.46 4.25 7.43
N GLU B 24 -14.65 3.22 7.71
CA GLU B 24 -14.37 2.81 9.08
C GLU B 24 -12.93 3.18 9.38
N ILE B 25 -12.74 4.00 10.41
CA ILE B 25 -11.40 4.49 10.75
C ILE B 25 -11.07 4.25 12.22
N ASN B 26 -9.93 3.62 12.47
CA ASN B 26 -9.43 3.46 13.82
C ASN B 26 -8.58 4.67 14.20
N GLU B 27 -9.15 5.55 15.03
CA GLU B 27 -8.45 6.76 15.42
C GLU B 27 -7.69 6.57 16.73
N ARG B 28 -7.61 5.32 17.17
CA ARG B 28 -6.74 4.95 18.29
C ARG B 28 -7.05 5.70 19.57
N ASP B 29 -8.33 5.86 19.88
CA ASP B 29 -8.75 6.57 21.08
C ASP B 29 -9.75 5.76 21.91
N ARG B 30 -10.17 4.62 21.37
CA ARG B 30 -11.13 3.77 22.05
C ARG B 30 -10.48 2.50 22.61
N GLY B 31 -9.16 2.45 22.54
CA GLY B 31 -8.42 1.28 23.00
C GLY B 31 -8.74 0.04 22.18
N SER B 32 -9.14 0.25 20.94
CA SER B 32 -9.41 -0.85 20.01
C SER B 32 -8.09 -1.34 19.40
N PRO B 33 -7.81 -2.65 19.54
CA PRO B 33 -6.55 -3.36 19.31
C PRO B 33 -5.52 -2.70 18.37
N VAL B 34 -5.69 -2.83 17.05
CA VAL B 34 -4.61 -2.51 16.11
C VAL B 34 -3.24 -2.96 16.61
N ALA B 49 -2.45 -12.52 16.30
CA ALA B 49 -1.60 -13.69 16.46
C ALA B 49 -1.31 -14.35 15.12
N ASN B 50 -1.19 -15.68 15.14
CA ASN B 50 -0.87 -16.45 13.95
C ASN B 50 -1.50 -17.84 13.98
N SER B 51 -1.96 -18.24 15.15
CA SER B 51 -2.55 -19.56 15.33
C SER B 51 -4.02 -19.46 15.70
N LEU B 52 -4.83 -20.33 15.12
CA LEU B 52 -6.27 -20.33 15.35
C LEU B 52 -6.62 -20.14 16.83
N GLY B 53 -7.65 -19.33 17.10
CA GLY B 53 -8.15 -19.20 18.46
C GLY B 53 -8.29 -17.81 19.04
N ASP B 54 -7.38 -16.91 18.68
CA ASP B 54 -7.38 -15.57 19.26
C ASP B 54 -8.67 -14.81 18.99
N LEU B 55 -9.25 -14.23 20.04
CA LEU B 55 -10.47 -13.43 19.90
C LEU B 55 -10.12 -11.96 19.97
N VAL B 56 -10.70 -11.18 19.05
CA VAL B 56 -10.39 -9.76 18.96
C VAL B 56 -11.64 -8.90 18.94
N PRO B 57 -12.07 -8.43 20.13
CA PRO B 57 -13.17 -7.47 20.21
C PRO B 57 -12.70 -6.12 19.66
N PHE B 58 -13.57 -5.40 18.96
CA PHE B 58 -13.15 -4.14 18.36
C PHE B 58 -14.30 -3.14 18.22
N SER B 59 -13.95 -1.87 18.09
CA SER B 59 -14.92 -0.82 17.85
C SER B 59 -14.23 0.41 17.29
N ASN B 60 -14.56 0.78 16.05
CA ASN B 60 -13.96 1.93 15.40
C ASN B 60 -15.01 2.97 15.02
N LYS B 61 -14.57 4.13 14.52
CA LYS B 61 -15.51 5.18 14.13
C LYS B 61 -16.00 5.02 12.69
N VAL B 62 -17.24 5.42 12.44
CA VAL B 62 -17.83 5.34 11.12
C VAL B 62 -18.24 6.71 10.60
N TYR B 63 -17.76 7.05 9.40
CA TYR B 63 -18.09 8.30 8.74
C TYR B 63 -18.83 7.99 7.45
N ASP B 64 -19.54 8.98 6.90
CA ASP B 64 -20.30 8.76 5.68
C ASP B 64 -19.39 8.69 4.45
N GLY B 65 -19.98 8.34 3.31
CA GLY B 65 -19.22 8.21 2.07
C GLY B 65 -18.50 9.48 1.65
N SER B 66 -19.08 10.63 1.97
CA SER B 66 -18.50 11.91 1.57
C SER B 66 -17.46 12.41 2.57
N LEU B 67 -17.34 11.69 3.69
CA LEU B 67 -16.37 12.03 4.73
C LEU B 67 -16.63 13.37 5.41
N GLN B 68 -17.88 13.85 5.32
CA GLN B 68 -18.24 15.13 5.92
C GLN B 68 -19.07 14.96 7.19
N ARG B 69 -19.47 13.72 7.48
CA ARG B 69 -20.34 13.46 8.62
C ARG B 69 -19.92 12.24 9.44
N ARG B 70 -19.80 12.42 10.75
CA ARG B 70 -19.60 11.29 11.66
C ARG B 70 -20.96 10.63 11.92
N LEU B 71 -21.05 9.34 11.57
CA LEU B 71 -22.32 8.62 11.67
C LEU B 71 -22.42 7.81 12.96
N GLY B 72 -21.33 7.16 13.34
CA GLY B 72 -21.34 6.32 14.52
C GLY B 72 -20.10 5.46 14.67
N ILE B 73 -20.30 4.17 14.94
CA ILE B 73 -19.21 3.26 15.22
C ILE B 73 -19.47 1.85 14.68
N THR B 74 -18.41 1.05 14.62
CA THR B 74 -18.56 -0.39 14.47
C THR B 74 -18.36 -1.01 15.84
N ALA B 75 -18.90 -2.21 16.04
CA ALA B 75 -18.73 -2.93 17.30
C ALA B 75 -18.98 -4.41 17.09
N GLY B 76 -18.06 -5.25 17.56
CA GLY B 76 -18.20 -6.68 17.39
C GLY B 76 -16.91 -7.43 17.69
N ILE B 77 -16.78 -8.62 17.12
CA ILE B 77 -15.63 -9.47 17.39
C ILE B 77 -15.12 -10.19 16.14
N CYS B 78 -13.82 -10.41 16.12
CA CYS B 78 -13.16 -11.24 15.11
C CYS B 78 -12.51 -12.42 15.82
N THR B 79 -12.61 -13.60 15.22
CA THR B 79 -11.91 -14.78 15.76
C THR B 79 -10.90 -15.27 14.72
N LEU B 80 -9.66 -15.43 15.14
CA LEU B 80 -8.60 -15.84 14.22
C LEU B 80 -8.77 -17.32 13.83
N ILE B 81 -8.72 -17.59 12.53
CA ILE B 81 -8.97 -18.93 12.03
C ILE B 81 -7.72 -19.63 11.49
N SER B 82 -6.94 -18.91 10.68
CA SER B 82 -5.77 -19.50 10.06
C SER B 82 -4.74 -18.47 9.63
N HIS B 83 -3.48 -18.90 9.54
CA HIS B 83 -2.41 -18.05 9.03
C HIS B 83 -1.93 -18.51 7.66
N ASN B 84 -1.69 -17.56 6.77
CA ASN B 84 -1.21 -17.86 5.42
C ASN B 84 0.21 -17.32 5.20
N ALA B 85 1.17 -18.24 5.09
CA ALA B 85 2.57 -17.86 4.98
C ALA B 85 2.90 -17.05 3.72
N GLU B 86 2.59 -17.62 2.56
CA GLU B 86 2.95 -16.98 1.30
C GLU B 86 2.15 -15.71 1.03
N LYS B 87 0.97 -15.60 1.64
CA LYS B 87 0.14 -14.41 1.50
C LYS B 87 0.47 -13.38 2.58
N LYS B 88 1.20 -13.82 3.61
CA LYS B 88 1.60 -12.94 4.69
C LYS B 88 0.39 -12.31 5.37
N GLY B 89 -0.46 -13.14 5.96
CA GLY B 89 -1.67 -12.64 6.60
C GLY B 89 -2.49 -13.71 7.29
N ASP B 90 -3.61 -13.29 7.88
CA ASP B 90 -4.46 -14.18 8.67
C ASP B 90 -5.92 -14.10 8.23
N ARG B 91 -6.64 -15.20 8.41
CA ARG B 91 -8.09 -15.22 8.20
C ARG B 91 -8.81 -15.16 9.53
N TYR B 92 -9.77 -14.24 9.64
CA TYR B 92 -10.66 -14.14 10.79
C TYR B 92 -12.09 -14.40 10.35
N GLU B 93 -12.90 -14.93 11.25
CA GLU B 93 -14.35 -14.95 11.08
C GLU B 93 -14.95 -13.90 12.01
N ALA B 94 -15.80 -13.02 11.48
CA ALA B 94 -16.25 -11.85 12.23
C ALA B 94 -17.78 -11.72 12.30
N GLN B 95 -18.26 -11.22 13.43
CA GLN B 95 -19.65 -10.81 13.58
C GLN B 95 -19.66 -9.42 14.20
N TYR B 96 -20.16 -8.43 13.47
CA TYR B 96 -20.24 -7.08 14.02
C TYR B 96 -21.33 -6.21 13.43
N SER B 97 -21.53 -5.04 14.02
CA SER B 97 -22.59 -4.13 13.59
C SER B 97 -22.05 -2.74 13.31
N PHE B 98 -22.73 -2.04 12.40
CA PHE B 98 -22.44 -0.66 12.09
C PHE B 98 -23.56 0.19 12.69
N TYR B 99 -23.23 1.11 13.58
CA TYR B 99 -24.24 1.95 14.20
C TYR B 99 -24.25 3.36 13.61
N PHE B 100 -25.44 3.80 13.20
CA PHE B 100 -25.62 5.09 12.52
C PHE B 100 -26.48 6.05 13.33
N GLY B 101 -26.32 6.08 14.64
CA GLY B 101 -27.16 6.92 15.48
C GLY B 101 -28.63 6.57 15.36
N ASP B 102 -29.49 7.59 15.26
CA ASP B 102 -30.94 7.37 15.24
C ASP B 102 -31.45 6.73 13.95
N TYR B 103 -30.60 6.66 12.92
CA TYR B 103 -30.99 5.99 11.69
C TYR B 103 -31.19 4.49 11.92
N GLY B 104 -30.47 3.95 12.90
CA GLY B 104 -30.51 2.52 13.18
C GLY B 104 -29.15 1.89 12.92
N HIS B 105 -29.12 0.56 12.82
CA HIS B 105 -27.86 -0.12 12.57
C HIS B 105 -27.95 -1.24 11.54
N ILE B 106 -26.80 -1.68 11.05
CA ILE B 106 -26.70 -2.79 10.11
C ILE B 106 -25.77 -3.86 10.70
N SER B 107 -26.19 -5.12 10.66
CA SER B 107 -25.36 -6.21 11.15
C SER B 107 -24.75 -7.03 10.03
N VAL B 108 -23.53 -7.50 10.24
CA VAL B 108 -22.81 -8.29 9.25
C VAL B 108 -22.13 -9.53 9.87
N GLN B 109 -21.91 -10.53 9.02
CA GLN B 109 -21.24 -11.77 9.41
C GLN B 109 -20.40 -12.23 8.23
N GLY B 110 -19.19 -12.70 8.49
CA GLY B 110 -18.35 -13.21 7.41
C GLY B 110 -16.86 -13.05 7.62
N PRO B 111 -16.10 -13.09 6.51
CA PRO B 111 -14.64 -13.15 6.56
C PRO B 111 -13.98 -11.77 6.67
N TYR B 112 -12.98 -11.68 7.53
CA TYR B 112 -12.07 -10.55 7.53
C TYR B 112 -10.65 -11.10 7.40
N ILE B 113 -10.01 -10.79 6.28
CA ILE B 113 -8.70 -11.34 5.98
C ILE B 113 -7.69 -10.19 5.83
N THR B 114 -6.59 -10.28 6.56
CA THR B 114 -5.64 -9.17 6.65
C THR B 114 -5.02 -8.78 5.30
N TYR B 115 -4.87 -9.77 4.41
CA TYR B 115 -4.16 -9.52 3.15
C TYR B 115 -5.04 -9.25 1.93
N GLU B 116 -6.36 -9.15 2.11
CA GLU B 116 -7.22 -8.91 0.94
C GLU B 116 -8.61 -8.39 1.28
N ASP B 117 -9.27 -7.83 0.27
CA ASP B 117 -10.65 -7.38 0.41
C ASP B 117 -11.55 -8.60 0.49
N THR B 118 -12.67 -8.46 1.19
CA THR B 118 -13.63 -9.56 1.29
C THR B 118 -15.06 -9.04 1.13
N GLU B 119 -16.00 -9.97 1.09
CA GLU B 119 -17.42 -9.64 1.08
C GLU B 119 -18.08 -10.28 2.29
N LEU B 120 -18.84 -9.49 3.03
CA LEU B 120 -19.55 -9.98 4.21
C LEU B 120 -21.05 -10.06 3.97
N VAL B 121 -21.72 -10.89 4.74
CA VAL B 121 -23.17 -10.98 4.69
C VAL B 121 -23.81 -9.87 5.51
N VAL B 122 -24.76 -9.15 4.91
CA VAL B 122 -25.60 -8.24 5.68
C VAL B 122 -26.75 -9.08 6.21
N THR B 123 -26.77 -9.30 7.52
CA THR B 123 -27.75 -10.20 8.12
C THR B 123 -29.05 -9.50 8.46
N GLY B 124 -29.03 -8.17 8.43
CA GLY B 124 -30.23 -7.39 8.68
C GLY B 124 -29.93 -6.02 9.22
N GLY B 125 -30.95 -5.28 9.63
CA GLY B 125 -30.76 -3.93 10.14
C GLY B 125 -31.92 -3.45 11.01
N THR B 126 -31.80 -2.26 11.56
CA THR B 126 -32.87 -1.65 12.35
C THR B 126 -33.15 -0.23 11.86
N GLY B 127 -34.21 0.38 12.39
CA GLY B 127 -34.57 1.72 11.97
C GLY B 127 -34.84 1.76 10.49
N ILE B 128 -34.21 2.69 9.78
CA ILE B 128 -34.40 2.80 8.34
C ILE B 128 -33.87 1.58 7.59
N PHE B 129 -33.07 0.76 8.28
CA PHE B 129 -32.49 -0.44 7.68
C PHE B 129 -33.29 -1.69 8.02
N ALA B 130 -34.42 -1.50 8.72
CA ALA B 130 -35.24 -2.62 9.15
C ALA B 130 -35.63 -3.53 8.00
N GLY B 131 -35.36 -4.82 8.14
CA GLY B 131 -35.75 -5.81 7.15
C GLY B 131 -34.79 -5.96 5.98
N CYS B 132 -33.70 -5.21 5.98
CA CYS B 132 -32.75 -5.28 4.86
C CYS B 132 -32.01 -6.61 4.82
N HIS B 133 -31.53 -6.98 3.64
CA HIS B 133 -30.57 -8.07 3.50
C HIS B 133 -29.69 -7.85 2.28
N GLY B 134 -28.53 -8.51 2.25
CA GLY B 134 -27.61 -8.34 1.14
C GLY B 134 -26.17 -8.60 1.51
N VAL B 135 -25.27 -7.78 0.98
CA VAL B 135 -23.84 -7.99 1.18
C VAL B 135 -23.12 -6.67 1.41
N ALA B 136 -21.96 -6.75 2.05
CA ALA B 136 -21.10 -5.60 2.26
C ALA B 136 -19.70 -5.90 1.72
N LYS B 137 -19.23 -5.07 0.80
CA LYS B 137 -17.88 -5.22 0.27
C LYS B 137 -16.90 -4.45 1.14
N LEU B 138 -15.98 -5.17 1.78
CA LEU B 138 -14.97 -4.55 2.63
C LEU B 138 -13.71 -4.28 1.82
N HIS B 139 -13.32 -3.02 1.73
CA HIS B 139 -12.10 -2.65 1.02
C HIS B 139 -11.07 -2.07 1.99
N GLN B 140 -9.88 -2.66 1.99
CA GLN B 140 -8.79 -2.20 2.85
C GLN B 140 -7.95 -1.14 2.14
N ILE B 141 -7.94 0.06 2.69
CA ILE B 141 -7.10 1.14 2.17
C ILE B 141 -5.73 1.06 2.84
N ILE B 142 -5.74 1.20 4.16
CA ILE B 142 -4.53 1.01 4.96
C ILE B 142 -4.84 0.00 6.07
N PHE B 143 -4.21 -1.16 6.01
CA PHE B 143 -4.44 -2.18 7.03
C PHE B 143 -3.74 -1.82 8.33
N PRO B 144 -4.46 -1.90 9.45
CA PRO B 144 -5.89 -2.23 9.53
C PRO B 144 -6.74 -1.02 9.93
N VAL B 145 -6.16 0.17 9.85
CA VAL B 145 -6.76 1.34 10.48
C VAL B 145 -7.71 2.16 9.60
N LYS B 146 -7.68 1.94 8.30
CA LYS B 146 -8.58 2.65 7.40
C LYS B 146 -9.25 1.74 6.39
N LEU B 147 -10.56 1.54 6.57
CA LEU B 147 -11.33 0.66 5.70
C LEU B 147 -12.47 1.42 5.01
N PHE B 148 -12.93 0.89 3.88
CA PHE B 148 -14.02 1.48 3.12
C PHE B 148 -15.03 0.37 2.80
N TYR B 149 -16.30 0.62 3.08
CA TYR B 149 -17.34 -0.37 2.85
C TYR B 149 -18.39 0.14 1.86
N THR B 150 -18.87 -0.75 0.99
CA THR B 150 -20.07 -0.45 0.23
C THR B 150 -21.11 -1.52 0.53
N PHE B 151 -22.23 -1.11 1.13
CA PHE B 151 -23.33 -2.01 1.40
C PHE B 151 -24.24 -2.09 0.18
N TYR B 152 -24.71 -3.29 -0.13
CA TYR B 152 -25.73 -3.47 -1.15
C TYR B 152 -26.98 -4.00 -0.45
N LEU B 153 -27.92 -3.11 -0.19
CA LEU B 153 -29.05 -3.43 0.67
C LEU B 153 -30.34 -3.67 -0.11
N GLN B 154 -30.93 -4.83 0.10
CA GLN B 154 -32.18 -5.21 -0.56
C GLN B 154 -33.35 -5.11 0.41
N GLY B 155 -34.49 -4.64 -0.09
CA GLY B 155 -35.75 -4.73 0.63
C GLY B 155 -36.17 -3.57 1.51
N ILE B 156 -35.48 -2.44 1.42
CA ILE B 156 -35.86 -1.29 2.25
C ILE B 156 -36.26 -0.08 1.40
N LYS B 157 -36.84 0.92 2.06
CA LYS B 157 -37.27 2.13 1.37
C LYS B 157 -36.09 3.01 1.02
N LYS B 158 -36.33 4.01 0.17
CA LYS B 158 -35.28 4.92 -0.27
C LYS B 158 -34.49 5.50 0.90
N LEU B 159 -33.17 5.39 0.82
CA LEU B 159 -32.29 5.96 1.84
C LEU B 159 -32.36 7.49 1.83
N PRO B 160 -32.23 8.11 3.02
CA PRO B 160 -32.25 9.56 3.13
C PRO B 160 -31.05 10.20 2.45
N GLU B 161 -31.27 11.34 1.82
CA GLU B 161 -30.23 11.98 1.01
C GLU B 161 -28.92 12.25 1.75
N GLU B 162 -29.00 12.46 3.05
CA GLU B 162 -27.80 12.73 3.85
C GLU B 162 -26.82 11.56 3.86
N LEU B 163 -27.32 10.37 3.55
CA LEU B 163 -26.48 9.17 3.54
C LEU B 163 -26.05 8.80 2.12
N CYS B 164 -26.50 9.57 1.14
CA CYS B 164 -26.24 9.28 -0.27
C CYS B 164 -25.47 10.40 -0.95
N ALA B 165 -24.71 11.17 -0.17
CA ALA B 165 -23.90 12.25 -0.73
C ALA B 165 -22.80 11.66 -1.62
N SER B 166 -22.28 12.46 -2.53
CA SER B 166 -21.24 12.00 -3.44
C SER B 166 -20.07 11.39 -2.65
N VAL B 167 -19.69 10.18 -3.04
CA VAL B 167 -18.68 9.43 -2.31
C VAL B 167 -17.26 9.82 -2.72
N VAL B 168 -16.44 10.13 -1.73
CA VAL B 168 -15.01 10.34 -1.96
C VAL B 168 -14.36 9.00 -2.27
N PRO B 169 -13.67 8.90 -3.42
CA PRO B 169 -12.99 7.65 -3.80
C PRO B 169 -11.98 7.25 -2.73
N PRO B 170 -12.00 5.98 -2.30
CA PRO B 170 -11.12 5.57 -1.21
C PRO B 170 -9.65 5.69 -1.59
N SER B 171 -8.86 6.29 -0.70
CA SER B 171 -7.42 6.48 -0.94
C SER B 171 -6.73 6.83 0.37
N PRO B 172 -5.38 6.76 0.39
CA PRO B 172 -4.62 7.13 1.58
C PRO B 172 -4.86 8.59 2.02
N SER B 173 -5.13 9.49 1.08
CA SER B 173 -5.31 10.90 1.43
C SER B 173 -6.71 11.20 1.98
N ALA B 174 -7.65 10.32 1.69
CA ALA B 174 -9.04 10.50 2.12
C ALA B 174 -9.14 10.69 3.63
N GLU B 175 -9.54 11.88 4.05
CA GLU B 175 -9.70 12.18 5.46
C GLU B 175 -11.07 12.77 5.75
N PRO B 176 -11.65 12.44 6.91
CA PRO B 176 -12.87 13.11 7.36
C PRO B 176 -12.62 14.60 7.58
N SER B 177 -13.64 15.42 7.40
CA SER B 177 -13.50 16.85 7.60
C SER B 177 -13.15 17.13 9.06
N GLU B 178 -12.53 18.27 9.30
CA GLU B 178 -12.16 18.65 10.66
C GLU B 178 -13.39 18.69 11.58
N GLN B 179 -14.48 19.22 11.06
CA GLN B 179 -15.72 19.30 11.85
C GLN B 179 -16.30 17.92 12.15
N ALA B 180 -16.19 16.99 11.22
CA ALA B 180 -16.62 15.62 11.45
C ALA B 180 -15.77 14.96 12.53
N LYS B 181 -14.46 15.21 12.50
CA LYS B 181 -13.56 14.64 13.49
C LYS B 181 -13.86 15.17 14.88
N LYS B 182 -14.21 16.46 14.95
CA LYS B 182 -14.53 17.12 16.21
C LYS B 182 -15.98 16.92 16.63
N CYS B 183 -16.73 16.18 15.84
CA CYS B 183 -18.15 15.93 16.11
C CYS B 183 -18.92 17.24 16.27
N HIS B 184 -18.69 18.19 15.36
CA HIS B 184 -19.40 19.46 15.34
C HIS B 184 -20.87 19.19 14.99
N PRO B 185 -21.79 19.89 15.66
CA PRO B 185 -23.23 19.65 15.47
C PRO B 185 -23.71 19.71 14.02
N SER B 186 -22.98 20.41 13.15
CA SER B 186 -23.36 20.47 11.75
C SER B 186 -22.92 19.25 10.96
N SER B 187 -22.07 18.42 11.58
CA SER B 187 -21.40 17.35 10.87
C SER B 187 -21.52 15.98 11.57
N VAL B 188 -22.64 15.73 12.21
CA VAL B 188 -22.88 14.43 12.84
C VAL B 188 -24.29 13.95 12.52
N ALA B 189 -24.49 12.64 12.61
CA ALA B 189 -25.82 12.07 12.47
C ALA B 189 -26.61 12.35 13.74
N PRO B 190 -27.95 12.37 13.66
CA PRO B 190 -28.76 12.60 14.86
C PRO B 190 -28.41 11.61 15.96
N ASN B 191 -27.99 12.12 17.11
CA ASN B 191 -27.52 11.30 18.21
C ASN B 191 -26.53 10.24 17.74
N PHE B 192 -25.49 10.68 17.03
CA PHE B 192 -24.47 9.78 16.50
C PHE B 192 -23.92 8.86 17.59
N THR B 193 -23.74 7.59 17.24
CA THR B 193 -23.24 6.60 18.19
C THR B 193 -21.79 6.83 18.54
N ASN B 194 -21.49 6.85 19.83
CA ASN B 194 -20.11 6.96 20.30
C ASN B 194 -19.83 5.96 21.42
N GLY C 1 -4.02 37.34 -26.96
CA GLY C 1 -2.87 37.36 -27.84
C GLY C 1 -2.88 36.23 -28.85
N GLY C 2 -2.51 36.55 -30.08
CA GLY C 2 -2.57 35.58 -31.16
C GLY C 2 -1.33 34.71 -31.31
N PRO C 3 -0.90 34.50 -32.56
CA PRO C 3 0.19 33.59 -32.94
C PRO C 3 1.43 33.71 -32.06
N LEU C 4 2.00 34.91 -31.99
CA LEU C 4 3.23 35.11 -31.23
C LEU C 4 3.02 35.02 -29.72
N GLY C 5 1.80 35.34 -29.29
CA GLY C 5 1.44 35.20 -27.88
C GLY C 5 1.47 33.73 -27.49
N SER C 6 0.93 32.88 -28.36
CA SER C 6 0.91 31.44 -28.13
C SER C 6 2.32 30.85 -28.10
N MET C 7 3.12 31.17 -29.12
CA MET C 7 4.52 30.74 -29.15
C MET C 7 5.18 31.13 -27.84
N GLY C 8 4.94 32.37 -27.41
CA GLY C 8 5.50 32.87 -26.17
C GLY C 8 5.10 32.02 -24.97
N ASN C 9 3.80 31.92 -24.73
CA ASN C 9 3.25 31.14 -23.63
C ASN C 9 3.88 29.76 -23.54
N LYS C 10 4.00 29.08 -24.68
CA LYS C 10 4.57 27.74 -24.73
C LYS C 10 5.99 27.73 -24.18
N VAL C 11 6.84 28.60 -24.72
CA VAL C 11 8.23 28.68 -24.26
C VAL C 11 8.31 29.01 -22.77
N ASP C 12 7.54 29.99 -22.33
CA ASP C 12 7.50 30.35 -20.92
C ASP C 12 7.23 29.10 -20.08
N LYS C 13 6.06 28.52 -20.30
CA LYS C 13 5.62 27.33 -19.56
C LYS C 13 6.67 26.22 -19.54
N LEU C 14 7.56 26.22 -20.53
CA LEU C 14 8.60 25.20 -20.59
C LEU C 14 9.65 25.48 -19.53
N ALA C 15 10.10 26.74 -19.45
CA ALA C 15 11.12 27.13 -18.48
C ALA C 15 10.56 27.30 -17.07
N GLY C 16 9.27 27.03 -16.91
CA GLY C 16 8.64 27.10 -15.61
C GLY C 16 9.05 25.96 -14.71
N VAL C 17 8.68 26.03 -13.43
CA VAL C 17 9.00 24.96 -12.49
C VAL C 17 7.75 24.16 -12.13
N GLN C 18 7.87 22.85 -12.10
CA GLN C 18 6.78 21.98 -11.68
C GLN C 18 7.22 21.16 -10.47
N GLU C 19 6.31 21.02 -9.50
CA GLU C 19 6.59 20.19 -8.34
C GLU C 19 6.16 18.76 -8.58
N LEU C 20 6.93 17.82 -8.06
CA LEU C 20 6.60 16.40 -8.12
C LEU C 20 7.04 15.75 -6.83
N SER C 21 6.11 15.18 -6.09
CA SER C 21 6.44 14.54 -4.82
C SER C 21 6.31 13.03 -4.90
N VAL C 22 7.23 12.33 -4.23
CA VAL C 22 7.19 10.87 -4.13
C VAL C 22 7.64 10.39 -2.76
N TYR C 23 7.28 9.14 -2.45
CA TYR C 23 7.75 8.49 -1.23
C TYR C 23 8.75 7.39 -1.59
N GLU C 24 9.85 7.33 -0.86
CA GLU C 24 10.81 6.24 -1.00
C GLU C 24 10.77 5.38 0.25
N ILE C 25 10.50 4.09 0.07
CA ILE C 25 10.32 3.19 1.21
C ILE C 25 11.14 1.91 1.08
N ASN C 26 11.93 1.63 2.10
CA ASN C 26 12.65 0.36 2.18
C ASN C 26 11.74 -0.70 2.80
N GLU C 27 11.18 -1.56 1.97
CA GLU C 27 10.26 -2.59 2.45
C GLU C 27 10.98 -3.91 2.79
N ARG C 28 12.31 -3.86 2.79
CA ARG C 28 13.13 -4.97 3.27
C ARG C 28 12.99 -6.27 2.48
N ASP C 29 12.87 -6.16 1.15
CA ASP C 29 12.68 -7.33 0.32
C ASP C 29 13.62 -7.29 -0.90
N ARG C 30 14.61 -6.39 -0.87
CA ARG C 30 15.57 -6.27 -1.97
C ARG C 30 17.02 -6.35 -1.47
N GLY C 31 17.21 -6.77 -0.25
CA GLY C 31 18.53 -6.78 0.34
C GLY C 31 19.11 -5.39 0.48
N SER C 32 18.30 -4.36 0.59
CA SER C 32 18.84 -3.04 0.71
C SER C 32 19.08 -2.66 2.15
N PRO C 33 20.25 -2.11 2.37
CA PRO C 33 20.85 -1.99 3.65
C PRO C 33 20.07 -1.08 4.57
N VAL C 34 19.84 -1.42 5.81
CA VAL C 34 19.20 -0.51 6.74
C VAL C 34 20.35 0.00 7.63
N ILE C 35 20.70 1.27 7.52
CA ILE C 35 21.84 1.81 8.24
C ILE C 35 21.44 2.18 9.66
N ALA C 49 31.23 1.83 13.93
CA ALA C 49 32.64 2.01 13.61
C ALA C 49 32.81 2.77 12.30
N ASN C 50 31.92 3.73 12.07
CA ASN C 50 31.86 4.45 10.80
C ASN C 50 32.88 5.58 10.64
N SER C 51 33.76 5.41 9.66
CA SER C 51 34.70 6.45 9.27
C SER C 51 34.56 6.75 7.78
N LEU C 52 35.23 7.81 7.33
CA LEU C 52 35.21 8.19 5.92
C LEU C 52 35.61 7.02 5.02
N GLY C 53 34.74 6.68 4.07
CA GLY C 53 35.09 5.67 3.08
C GLY C 53 34.09 4.55 2.88
N ASP C 54 33.31 4.24 3.90
CA ASP C 54 32.31 3.18 3.79
C ASP C 54 31.37 3.46 2.62
N LEU C 55 31.11 2.44 1.82
CA LEU C 55 30.27 2.58 0.63
C LEU C 55 28.96 1.82 0.81
N VAL C 56 27.86 2.45 0.42
CA VAL C 56 26.55 1.85 0.63
C VAL C 56 25.68 1.87 -0.61
N PRO C 57 25.73 0.79 -1.40
CA PRO C 57 24.80 0.62 -2.52
C PRO C 57 23.40 0.38 -1.98
N PHE C 58 22.38 0.91 -2.65
CA PHE C 58 21.01 0.75 -2.17
C PHE C 58 19.99 0.78 -3.30
N SER C 59 18.79 0.30 -3.00
CA SER C 59 17.66 0.37 -3.92
C SER C 59 16.35 0.15 -3.16
N ASN C 60 15.52 1.18 -3.12
CA ASN C 60 14.26 1.13 -2.40
C ASN C 60 13.08 1.32 -3.34
N LYS C 61 11.86 1.11 -2.85
CA LYS C 61 10.66 1.29 -3.67
C LYS C 61 10.21 2.74 -3.67
N VAL C 62 9.59 3.15 -4.77
CA VAL C 62 9.10 4.52 -4.92
C VAL C 62 7.60 4.54 -5.22
N TYR C 63 6.87 5.33 -4.45
CA TYR C 63 5.43 5.50 -4.64
C TYR C 63 5.11 6.95 -4.97
N ASP C 64 3.98 7.19 -5.63
CA ASP C 64 3.58 8.55 -5.95
C ASP C 64 3.24 9.33 -4.69
N GLY C 65 3.09 10.65 -4.83
CA GLY C 65 2.85 11.52 -3.69
C GLY C 65 1.56 11.22 -2.95
N SER C 66 0.56 10.71 -3.67
CA SER C 66 -0.73 10.41 -3.06
C SER C 66 -0.74 9.01 -2.44
N LEU C 67 0.34 8.27 -2.64
CA LEU C 67 0.49 6.93 -2.07
C LEU C 67 -0.54 5.94 -2.62
N GLN C 68 -1.05 6.23 -3.80
CA GLN C 68 -1.99 5.33 -4.47
C GLN C 68 -1.30 4.38 -5.43
N ARG C 69 -0.10 4.72 -5.87
CA ARG C 69 0.55 3.94 -6.91
C ARG C 69 2.03 3.66 -6.69
N ARG C 70 2.43 2.43 -6.97
CA ARG C 70 3.83 2.03 -7.03
C ARG C 70 4.38 2.47 -8.38
N LEU C 71 5.39 3.34 -8.37
CA LEU C 71 5.96 3.89 -9.59
C LEU C 71 7.23 3.15 -10.03
N GLY C 72 8.09 2.82 -9.06
CA GLY C 72 9.33 2.15 -9.37
C GLY C 72 10.27 2.01 -8.18
N ILE C 73 11.52 2.41 -8.37
CA ILE C 73 12.55 2.23 -7.36
C ILE C 73 13.58 3.36 -7.40
N THR C 74 14.39 3.44 -6.35
CA THR C 74 15.63 4.19 -6.40
C THR C 74 16.76 3.20 -6.61
N ALA C 75 17.89 3.68 -7.13
CA ALA C 75 19.07 2.84 -7.31
C ALA C 75 20.30 3.72 -7.41
N GLY C 76 21.33 3.39 -6.64
CA GLY C 76 22.56 4.16 -6.64
C GLY C 76 23.47 3.81 -5.49
N ILE C 77 24.29 4.76 -5.08
CA ILE C 77 25.27 4.54 -4.00
C ILE C 77 25.47 5.76 -3.13
N CYS C 78 25.74 5.51 -1.84
CA CYS C 78 26.14 6.55 -0.90
C CYS C 78 27.57 6.29 -0.44
N THR C 79 28.38 7.34 -0.37
CA THR C 79 29.72 7.24 0.20
C THR C 79 29.75 7.99 1.53
N LEU C 80 30.13 7.29 2.61
CA LEU C 80 30.20 7.91 3.93
C LEU C 80 31.34 8.91 3.98
N ILE C 81 31.04 10.11 4.50
CA ILE C 81 31.99 11.21 4.48
C ILE C 81 32.54 11.52 5.87
N SER C 82 31.66 11.70 6.85
CA SER C 82 32.08 12.05 8.19
C SER C 82 31.04 11.67 9.24
N HIS C 83 31.47 11.66 10.50
CA HIS C 83 30.56 11.39 11.61
C HIS C 83 30.41 12.63 12.49
N ASN C 84 29.20 12.88 12.97
CA ASN C 84 28.93 14.02 13.83
C ASN C 84 28.38 13.58 15.18
N ALA C 85 29.27 13.50 16.18
CA ALA C 85 28.91 13.01 17.50
C ALA C 85 27.84 13.85 18.21
N GLU C 86 27.97 15.17 18.14
CA GLU C 86 27.03 16.04 18.85
C GLU C 86 25.61 15.97 18.30
N LYS C 87 25.48 16.04 16.97
CA LYS C 87 24.17 15.95 16.34
C LYS C 87 23.78 14.50 16.07
N LYS C 88 24.65 13.57 16.47
CA LYS C 88 24.34 12.15 16.49
C LYS C 88 23.90 11.59 15.13
N GLY C 89 24.82 11.63 14.16
CA GLY C 89 24.52 11.11 12.84
C GLY C 89 25.70 11.13 11.87
N ASP C 90 25.42 10.85 10.60
CA ASP C 90 26.47 10.75 9.59
C ASP C 90 26.15 11.56 8.34
N ARG C 91 27.20 11.97 7.64
CA ARG C 91 27.08 12.65 6.36
C ARG C 91 27.54 11.76 5.22
N TYR C 92 26.67 11.56 4.23
CA TYR C 92 27.00 10.78 3.04
C TYR C 92 26.99 11.67 1.79
N GLU C 93 27.75 11.27 0.78
CA GLU C 93 27.64 11.88 -0.55
C GLU C 93 27.01 10.83 -1.47
N ALA C 94 25.98 11.24 -2.22
CA ALA C 94 25.17 10.27 -2.97
C ALA C 94 25.00 10.61 -4.44
N GLN C 95 25.01 9.55 -5.27
CA GLN C 95 24.61 9.63 -6.66
C GLN C 95 23.62 8.51 -6.92
N TYR C 96 22.39 8.86 -7.32
CA TYR C 96 21.39 7.84 -7.62
C TYR C 96 20.28 8.33 -8.53
N SER C 97 19.42 7.41 -8.94
CA SER C 97 18.31 7.71 -9.84
C SER C 97 16.97 7.20 -9.30
N PHE C 98 15.91 7.88 -9.69
CA PHE C 98 14.54 7.47 -9.38
C PHE C 98 13.93 6.92 -10.67
N TYR C 99 13.47 5.66 -10.63
CA TYR C 99 12.85 5.06 -11.81
C TYR C 99 11.33 5.01 -11.72
N PHE C 100 10.66 5.55 -12.74
CA PHE C 100 9.21 5.69 -12.77
C PHE C 100 8.58 4.82 -13.85
N GLY C 101 9.08 3.60 -14.03
CA GLY C 101 8.58 2.75 -15.10
C GLY C 101 8.70 3.43 -16.45
N ASP C 102 7.66 3.31 -17.27
CA ASP C 102 7.69 3.86 -18.63
C ASP C 102 7.74 5.39 -18.70
N TYR C 103 7.40 6.07 -17.61
CA TYR C 103 7.49 7.53 -17.57
C TYR C 103 8.92 7.99 -17.82
N GLY C 104 9.89 7.21 -17.35
CA GLY C 104 11.29 7.57 -17.49
C GLY C 104 11.95 7.60 -16.11
N HIS C 105 13.08 8.29 -16.01
CA HIS C 105 13.75 8.41 -14.71
C HIS C 105 14.36 9.78 -14.47
N ILE C 106 14.70 10.05 -13.20
CA ILE C 106 15.36 11.29 -12.80
C ILE C 106 16.62 10.94 -12.01
N SER C 107 17.71 11.63 -12.32
CA SER C 107 18.98 11.41 -11.62
C SER C 107 19.31 12.54 -10.66
N VAL C 108 19.92 12.19 -9.53
CA VAL C 108 20.27 13.17 -8.51
C VAL C 108 21.69 12.97 -7.99
N GLN C 109 22.24 14.02 -7.41
CA GLN C 109 23.57 14.01 -6.86
C GLN C 109 23.59 15.00 -5.70
N GLY C 110 24.14 14.60 -4.56
CA GLY C 110 24.21 15.48 -3.42
C GLY C 110 24.23 14.80 -2.07
N PRO C 111 23.98 15.56 -1.00
CA PRO C 111 24.17 15.07 0.36
C PRO C 111 22.97 14.31 0.92
N TYR C 112 23.28 13.23 1.65
CA TYR C 112 22.30 12.60 2.53
C TYR C 112 22.86 12.61 3.96
N ILE C 113 22.10 13.19 4.88
CA ILE C 113 22.54 13.32 6.26
C ILE C 113 21.51 12.69 7.19
N THR C 114 21.95 11.71 7.97
CA THR C 114 21.03 10.87 8.75
C THR C 114 20.15 11.65 9.74
N TYR C 115 20.60 12.83 10.16
CA TYR C 115 19.89 13.57 11.21
C TYR C 115 19.16 14.83 10.75
N GLU C 116 19.20 15.16 9.47
CA GLU C 116 18.51 16.35 8.98
C GLU C 116 18.16 16.29 7.50
N ASP C 117 17.17 17.09 7.11
CA ASP C 117 16.75 17.16 5.71
C ASP C 117 17.86 17.80 4.88
N THR C 118 17.91 17.45 3.61
CA THR C 118 18.90 18.03 2.69
C THR C 118 18.27 18.32 1.34
N GLU C 119 19.02 19.03 0.51
CA GLU C 119 18.59 19.29 -0.86
C GLU C 119 19.62 18.72 -1.82
N LEU C 120 19.15 18.01 -2.83
CA LEU C 120 20.03 17.43 -3.82
C LEU C 120 19.84 18.06 -5.19
N VAL C 121 20.85 17.90 -6.04
CA VAL C 121 20.79 18.40 -7.40
C VAL C 121 20.09 17.39 -8.31
N VAL C 122 19.12 17.86 -9.09
CA VAL C 122 18.55 17.06 -10.17
C VAL C 122 19.42 17.26 -11.39
N THR C 123 20.15 16.23 -11.78
CA THR C 123 21.14 16.35 -12.84
C THR C 123 20.54 16.21 -14.22
N GLY C 124 19.32 15.66 -14.29
CA GLY C 124 18.62 15.50 -15.55
C GLY C 124 17.63 14.36 -15.47
N GLY C 125 17.06 13.99 -16.63
CA GLY C 125 16.09 12.92 -16.67
C GLY C 125 15.88 12.35 -18.06
N THR C 126 15.03 11.33 -18.14
CA THR C 126 14.67 10.72 -19.42
C THR C 126 13.16 10.59 -19.54
N GLY C 127 12.68 10.17 -20.70
CA GLY C 127 11.25 10.06 -20.95
C GLY C 127 10.56 11.40 -20.85
N ILE C 128 9.52 11.47 -20.02
CA ILE C 128 8.82 12.73 -19.83
C ILE C 128 9.69 13.73 -19.07
N PHE C 129 10.76 13.23 -18.46
CA PHE C 129 11.65 14.08 -17.67
C PHE C 129 12.88 14.53 -18.46
N ALA C 130 12.95 14.14 -19.73
CA ALA C 130 14.11 14.45 -20.56
C ALA C 130 14.43 15.94 -20.58
N GLY C 131 15.66 16.29 -20.26
CA GLY C 131 16.11 17.67 -20.34
C GLY C 131 15.87 18.50 -19.08
N CYS C 132 15.26 17.89 -18.07
CA CYS C 132 14.92 18.62 -16.86
C CYS C 132 16.15 19.01 -16.05
N HIS C 133 15.97 19.99 -15.18
CA HIS C 133 16.95 20.29 -14.15
C HIS C 133 16.25 20.99 -12.99
N GLY C 134 16.93 21.11 -11.86
CA GLY C 134 16.34 21.67 -10.67
C GLY C 134 16.91 21.05 -9.41
N VAL C 135 16.05 20.90 -8.41
CA VAL C 135 16.48 20.48 -7.08
C VAL C 135 15.49 19.50 -6.48
N ALA C 136 15.97 18.62 -5.62
CA ALA C 136 15.09 17.70 -4.90
C ALA C 136 15.26 17.90 -3.41
N LYS C 137 14.15 18.13 -2.71
CA LYS C 137 14.18 18.26 -1.25
C LYS C 137 13.96 16.90 -0.62
N LEU C 138 14.93 16.46 0.19
CA LEU C 138 14.85 15.16 0.86
C LEU C 138 14.43 15.33 2.31
N HIS C 139 13.32 14.69 2.69
CA HIS C 139 12.85 14.71 4.07
C HIS C 139 12.74 13.29 4.63
N GLN C 140 13.42 13.03 5.73
CA GLN C 140 13.36 11.74 6.39
C GLN C 140 12.17 11.67 7.35
N ILE C 141 11.31 10.68 7.15
CA ILE C 141 10.15 10.51 8.01
C ILE C 141 10.46 9.49 9.10
N ILE C 142 10.97 8.34 8.68
CA ILE C 142 11.44 7.32 9.61
C ILE C 142 12.84 6.90 9.18
N PHE C 143 13.82 7.18 10.04
CA PHE C 143 15.19 6.76 9.76
C PHE C 143 15.35 5.26 9.91
N PRO C 144 15.90 4.60 8.88
CA PRO C 144 16.25 5.19 7.59
C PRO C 144 15.38 4.63 6.46
N VAL C 145 14.21 4.09 6.82
CA VAL C 145 13.41 3.30 5.87
C VAL C 145 12.32 4.06 5.11
N LYS C 146 11.93 5.23 5.59
CA LYS C 146 10.86 5.97 4.92
C LYS C 146 11.24 7.43 4.64
N LEU C 147 11.32 7.79 3.36
CA LEU C 147 11.68 9.15 2.96
C LEU C 147 10.64 9.79 2.05
N PHE C 148 10.60 11.11 2.05
CA PHE C 148 9.68 11.87 1.22
C PHE C 148 10.45 12.94 0.44
N TYR C 149 10.22 12.99 -0.87
CA TYR C 149 10.90 13.96 -1.72
C TYR C 149 9.92 14.91 -2.41
N THR C 150 10.35 16.15 -2.63
CA THR C 150 9.66 17.03 -3.57
C THR C 150 10.67 17.50 -4.62
N PHE C 151 10.40 17.15 -5.87
CA PHE C 151 11.26 17.56 -6.98
C PHE C 151 10.77 18.90 -7.54
N TYR C 152 11.71 19.82 -7.75
CA TYR C 152 11.39 21.07 -8.42
C TYR C 152 12.02 21.06 -9.80
N LEU C 153 11.20 20.78 -10.82
CA LEU C 153 11.71 20.51 -12.15
C LEU C 153 11.34 21.60 -13.14
N GLN C 154 12.32 22.04 -13.92
CA GLN C 154 12.05 23.02 -14.97
C GLN C 154 12.59 22.53 -16.31
N GLY C 155 11.97 23.01 -17.39
CA GLY C 155 12.41 22.67 -18.74
C GLY C 155 11.70 21.49 -19.38
N ILE C 156 10.64 21.00 -18.75
CA ILE C 156 9.91 19.87 -19.29
C ILE C 156 8.41 20.15 -19.49
N LYS C 157 7.75 19.31 -20.27
CA LYS C 157 6.34 19.45 -20.55
C LYS C 157 5.49 19.20 -19.31
N LYS C 158 4.23 19.62 -19.36
CA LYS C 158 3.31 19.41 -18.25
C LYS C 158 3.30 17.95 -17.81
N LEU C 159 3.57 17.73 -16.52
CA LEU C 159 3.52 16.39 -15.96
C LEU C 159 2.12 15.80 -16.12
N PRO C 160 2.03 14.50 -16.41
CA PRO C 160 0.73 13.83 -16.53
C PRO C 160 -0.04 13.88 -15.22
N GLU C 161 -1.36 13.91 -15.32
CA GLU C 161 -2.22 14.13 -14.15
C GLU C 161 -2.10 13.04 -13.08
N GLU C 162 -1.79 11.81 -13.49
CA GLU C 162 -1.67 10.70 -12.56
C GLU C 162 -0.48 10.85 -11.61
N LEU C 163 0.46 11.72 -11.97
CA LEU C 163 1.63 11.97 -11.14
C LEU C 163 1.46 13.24 -10.30
N CYS C 164 0.31 13.89 -10.46
CA CYS C 164 0.05 15.14 -9.75
C CYS C 164 -1.18 15.04 -8.87
N ALA C 165 -1.48 13.83 -8.42
CA ALA C 165 -2.61 13.62 -7.52
C ALA C 165 -2.33 14.27 -6.16
N SER C 166 -3.39 14.66 -5.47
CA SER C 166 -3.28 15.28 -4.16
C SER C 166 -2.29 14.53 -3.28
N VAL C 167 -1.26 15.24 -2.82
CA VAL C 167 -0.18 14.63 -2.04
C VAL C 167 -0.55 14.39 -0.59
N VAL C 168 -0.23 13.20 -0.08
CA VAL C 168 -0.41 12.91 1.33
C VAL C 168 0.70 13.60 2.11
N PRO C 169 0.33 14.42 3.10
CA PRO C 169 1.34 15.15 3.88
C PRO C 169 2.24 14.17 4.61
N PRO C 170 3.56 14.34 4.51
CA PRO C 170 4.50 13.38 5.11
C PRO C 170 4.32 13.26 6.61
N SER C 171 4.25 12.03 7.10
CA SER C 171 4.22 11.74 8.53
C SER C 171 4.51 10.26 8.73
N PRO C 172 4.87 9.87 9.96
CA PRO C 172 5.14 8.46 10.25
C PRO C 172 3.98 7.54 9.88
N SER C 173 2.77 8.07 9.90
CA SER C 173 1.58 7.26 9.62
C SER C 173 1.23 7.20 8.13
N ALA C 174 2.00 7.90 7.31
CA ALA C 174 1.77 7.87 5.87
C ALA C 174 2.20 6.52 5.31
N GLU C 175 1.25 5.83 4.69
CA GLU C 175 1.48 4.49 4.15
C GLU C 175 0.84 4.35 2.78
N PRO C 176 1.52 3.65 1.86
CA PRO C 176 0.91 3.36 0.56
C PRO C 176 -0.34 2.50 0.74
N SER C 177 -1.25 2.54 -0.23
CA SER C 177 -2.45 1.72 -0.16
C SER C 177 -2.08 0.24 -0.23
N GLU C 178 -2.95 -0.61 0.31
CA GLU C 178 -2.73 -2.05 0.24
C GLU C 178 -2.62 -2.50 -1.21
N GLN C 179 -3.42 -1.88 -2.08
CA GLN C 179 -3.37 -2.20 -3.51
C GLN C 179 -2.01 -1.84 -4.10
N ALA C 180 -1.44 -0.72 -3.66
CA ALA C 180 -0.14 -0.29 -4.15
C ALA C 180 0.99 -1.20 -3.66
N LYS C 181 0.90 -1.64 -2.40
CA LYS C 181 1.91 -2.56 -1.86
C LYS C 181 1.91 -3.89 -2.61
N LYS C 182 0.74 -4.32 -3.05
CA LYS C 182 0.59 -5.59 -3.75
C LYS C 182 0.87 -5.46 -5.24
N CYS C 183 1.12 -4.24 -5.69
CA CYS C 183 1.34 -3.98 -7.11
C CYS C 183 0.13 -4.43 -7.94
N HIS C 184 -1.06 -4.06 -7.48
CA HIS C 184 -2.28 -4.34 -8.23
C HIS C 184 -2.32 -3.49 -9.50
N PRO C 185 -2.77 -4.07 -10.61
CA PRO C 185 -2.81 -3.39 -11.93
C PRO C 185 -3.41 -1.99 -11.86
N SER C 186 -4.34 -1.78 -10.93
CA SER C 186 -4.98 -0.47 -10.79
C SER C 186 -4.07 0.52 -10.07
N SER C 187 -3.04 0.01 -9.39
CA SER C 187 -2.25 0.84 -8.51
C SER C 187 -0.74 0.80 -8.80
N VAL C 188 -0.38 0.77 -10.07
CA VAL C 188 1.02 0.81 -10.47
C VAL C 188 1.23 1.66 -11.72
N ALA C 189 2.43 2.21 -11.85
CA ALA C 189 2.80 2.93 -13.07
C ALA C 189 2.93 1.91 -14.20
N PRO C 190 2.77 2.36 -15.46
CA PRO C 190 2.93 1.46 -16.60
C PRO C 190 4.30 0.80 -16.56
N ASN C 191 4.34 -0.53 -16.57
CA ASN C 191 5.59 -1.27 -16.46
C ASN C 191 6.45 -0.73 -15.33
N PHE C 192 5.83 -0.55 -14.16
CA PHE C 192 6.53 -0.03 -12.99
C PHE C 192 7.87 -0.74 -12.78
N THR C 193 8.88 0.03 -12.38
CA THR C 193 10.23 -0.51 -12.24
C THR C 193 10.36 -1.39 -11.01
N ASN C 194 11.03 -2.52 -11.17
CA ASN C 194 11.22 -3.46 -10.07
C ASN C 194 12.54 -4.21 -10.18
N GLY D 1 -61.29 -15.64 -6.77
CA GLY D 1 -59.94 -16.15 -6.58
C GLY D 1 -59.36 -16.74 -7.84
N GLY D 2 -58.08 -16.43 -8.09
CA GLY D 2 -57.42 -16.91 -9.29
C GLY D 2 -55.93 -16.57 -9.35
N PRO D 3 -55.46 -16.20 -10.56
CA PRO D 3 -54.04 -15.96 -10.84
C PRO D 3 -53.53 -14.73 -10.13
N LEU D 4 -54.23 -13.61 -10.24
CA LEU D 4 -53.82 -12.37 -9.61
C LEU D 4 -54.00 -12.42 -8.09
N GLY D 5 -54.98 -13.20 -7.64
CA GLY D 5 -55.16 -13.44 -6.23
C GLY D 5 -54.03 -14.29 -5.67
N SER D 6 -53.66 -15.33 -6.40
CA SER D 6 -52.56 -16.20 -6.02
C SER D 6 -51.27 -15.39 -5.84
N MET D 7 -50.99 -14.54 -6.82
CA MET D 7 -49.77 -13.73 -6.78
C MET D 7 -49.79 -12.73 -5.65
N GLY D 8 -50.94 -12.07 -5.48
CA GLY D 8 -51.10 -11.11 -4.41
C GLY D 8 -50.90 -11.75 -3.04
N ASN D 9 -51.50 -12.92 -2.85
CA ASN D 9 -51.34 -13.67 -1.61
C ASN D 9 -49.88 -14.02 -1.32
N LYS D 10 -49.12 -14.34 -2.37
CA LYS D 10 -47.71 -14.67 -2.20
C LYS D 10 -46.93 -13.44 -1.76
N VAL D 11 -47.21 -12.31 -2.41
CA VAL D 11 -46.56 -11.05 -2.07
C VAL D 11 -46.90 -10.64 -0.65
N ASP D 12 -48.18 -10.73 -0.30
CA ASP D 12 -48.65 -10.41 1.04
C ASP D 12 -47.86 -11.15 2.11
N LYS D 13 -47.55 -12.41 1.85
CA LYS D 13 -46.79 -13.24 2.78
C LYS D 13 -45.35 -12.76 2.89
N LEU D 14 -44.73 -12.51 1.73
CA LEU D 14 -43.34 -12.06 1.67
C LEU D 14 -43.14 -10.70 2.34
N ALA D 15 -44.17 -9.86 2.32
CA ALA D 15 -44.08 -8.51 2.86
C ALA D 15 -44.74 -8.36 4.23
N GLY D 16 -45.62 -9.30 4.58
CA GLY D 16 -46.39 -9.21 5.81
C GLY D 16 -45.55 -9.23 7.07
N VAL D 17 -45.98 -8.48 8.08
CA VAL D 17 -45.27 -8.41 9.35
C VAL D 17 -46.17 -8.84 10.50
N GLN D 18 -45.63 -9.68 11.39
CA GLN D 18 -46.38 -10.14 12.55
C GLN D 18 -45.63 -9.84 13.85
N GLU D 19 -46.38 -9.44 14.88
CA GLU D 19 -45.79 -9.19 16.19
C GLU D 19 -45.76 -10.46 17.05
N LEU D 20 -44.69 -10.62 17.81
CA LEU D 20 -44.56 -11.73 18.73
C LEU D 20 -43.84 -11.25 19.99
N SER D 21 -44.50 -11.36 21.14
CA SER D 21 -43.91 -10.91 22.40
C SER D 21 -43.58 -12.07 23.33
N VAL D 22 -42.44 -11.96 24.01
CA VAL D 22 -42.01 -12.98 24.96
C VAL D 22 -41.34 -12.33 26.16
N TYR D 23 -41.25 -13.09 27.26
CA TYR D 23 -40.49 -12.67 28.43
C TYR D 23 -39.25 -13.52 28.59
N GLU D 24 -38.12 -12.88 28.87
CA GLU D 24 -36.89 -13.59 29.20
C GLU D 24 -36.58 -13.42 30.67
N ILE D 25 -36.44 -14.53 31.38
CA ILE D 25 -36.25 -14.47 32.83
C ILE D 25 -35.10 -15.37 33.29
N ASN D 26 -34.14 -14.78 33.98
CA ASN D 26 -33.05 -15.53 34.58
C ASN D 26 -33.47 -16.04 35.94
N GLU D 27 -33.89 -17.30 36.00
CA GLU D 27 -34.34 -17.89 37.26
C GLU D 27 -33.16 -18.46 38.07
N ARG D 28 -31.95 -18.14 37.63
CA ARG D 28 -30.73 -18.47 38.38
C ARG D 28 -30.56 -19.97 38.65
N ASP D 29 -30.94 -20.80 37.69
CA ASP D 29 -30.83 -22.24 37.86
C ASP D 29 -30.07 -22.88 36.70
N ARG D 30 -29.40 -22.04 35.90
CA ARG D 30 -28.71 -22.51 34.71
C ARG D 30 -27.24 -22.10 34.69
N GLY D 31 -26.78 -21.56 35.80
CA GLY D 31 -25.41 -21.13 35.88
C GLY D 31 -25.06 -19.87 35.10
N SER D 32 -26.03 -19.07 34.70
CA SER D 32 -25.81 -17.99 33.76
C SER D 32 -25.66 -16.70 34.47
N PRO D 33 -24.63 -15.99 34.13
CA PRO D 33 -24.12 -14.90 34.93
C PRO D 33 -25.09 -13.78 35.08
N VAL D 34 -25.09 -13.12 36.21
CA VAL D 34 -25.82 -11.90 36.31
C VAL D 34 -24.79 -10.77 36.35
N ILE D 35 -24.89 -9.83 35.44
CA ILE D 35 -23.84 -8.85 35.37
C ILE D 35 -24.13 -7.77 36.40
N SER D 51 -14.40 -4.63 32.58
CA SER D 51 -13.20 -4.81 31.76
C SER D 51 -13.58 -4.97 30.29
N LEU D 52 -13.28 -3.95 29.50
CA LEU D 52 -13.60 -3.94 28.07
C LEU D 52 -13.12 -5.22 27.40
N GLY D 53 -13.93 -5.77 26.50
CA GLY D 53 -13.56 -6.94 25.73
C GLY D 53 -14.00 -8.24 26.38
N ASP D 54 -14.47 -8.15 27.62
CA ASP D 54 -14.97 -9.32 28.32
C ASP D 54 -16.06 -10.02 27.53
N LEU D 55 -16.10 -11.34 27.63
CA LEU D 55 -17.10 -12.09 26.91
C LEU D 55 -18.07 -12.74 27.90
N VAL D 56 -19.36 -12.55 27.64
CA VAL D 56 -20.38 -13.03 28.56
C VAL D 56 -21.36 -13.98 27.89
N PRO D 57 -21.13 -15.30 28.04
CA PRO D 57 -22.09 -16.31 27.60
C PRO D 57 -23.29 -16.33 28.53
N PHE D 58 -24.47 -16.64 27.99
CA PHE D 58 -25.68 -16.64 28.81
C PHE D 58 -26.77 -17.55 28.27
N SER D 59 -27.73 -17.87 29.13
CA SER D 59 -28.87 -18.69 28.75
C SER D 59 -29.97 -18.57 29.80
N ASN D 60 -31.08 -17.96 29.42
CA ASN D 60 -32.21 -17.77 30.33
C ASN D 60 -33.48 -18.45 29.82
N LYS D 61 -34.53 -18.42 30.63
CA LYS D 61 -35.81 -19.04 30.25
C LYS D 61 -36.69 -18.08 29.46
N VAL D 62 -37.44 -18.63 28.52
CA VAL D 62 -38.37 -17.83 27.72
C VAL D 62 -39.82 -18.22 27.95
N TYR D 63 -40.65 -17.24 28.30
CA TYR D 63 -42.08 -17.46 28.47
C TYR D 63 -42.86 -16.69 27.42
N ASP D 64 -44.11 -17.08 27.19
CA ASP D 64 -44.94 -16.41 26.20
C ASP D 64 -45.40 -15.04 26.69
N GLY D 65 -46.03 -14.28 25.81
CA GLY D 65 -46.50 -12.93 26.13
C GLY D 65 -47.57 -12.88 27.20
N SER D 66 -48.36 -13.95 27.32
CA SER D 66 -49.41 -14.01 28.32
C SER D 66 -48.86 -14.52 29.64
N LEU D 67 -47.61 -14.97 29.61
CA LEU D 67 -46.93 -15.51 30.78
C LEU D 67 -47.60 -16.78 31.32
N GLN D 68 -48.35 -17.46 30.47
CA GLN D 68 -49.03 -18.68 30.86
C GLN D 68 -48.35 -19.94 30.30
N ARG D 69 -47.28 -19.73 29.52
CA ARG D 69 -46.63 -20.86 28.86
C ARG D 69 -45.12 -20.72 28.78
N ARG D 70 -44.41 -21.76 29.22
CA ARG D 70 -42.96 -21.83 29.07
C ARG D 70 -42.62 -22.29 27.65
N LEU D 71 -41.89 -21.45 26.92
CA LEU D 71 -41.59 -21.73 25.52
C LEU D 71 -40.23 -22.40 25.32
N GLY D 72 -39.22 -21.94 26.06
CA GLY D 72 -37.87 -22.45 25.90
C GLY D 72 -36.81 -21.60 26.58
N ILE D 73 -35.73 -21.32 25.87
CA ILE D 73 -34.61 -20.57 26.43
C ILE D 73 -33.98 -19.61 25.43
N THR D 74 -33.14 -18.71 25.95
CA THR D 74 -32.20 -17.96 25.12
C THR D 74 -30.85 -18.64 25.24
N ALA D 75 -29.97 -18.41 24.27
CA ALA D 75 -28.61 -18.93 24.32
C ALA D 75 -27.72 -18.15 23.36
N GLY D 76 -26.55 -17.74 23.85
CA GLY D 76 -25.63 -16.99 23.02
C GLY D 76 -24.58 -16.27 23.84
N ILE D 77 -24.02 -15.20 23.29
CA ILE D 77 -22.94 -14.47 23.95
C ILE D 77 -23.06 -12.97 23.80
N CYS D 78 -22.55 -12.25 24.78
CA CYS D 78 -22.41 -10.79 24.75
C CYS D 78 -20.94 -10.44 24.89
N THR D 79 -20.48 -9.47 24.10
CA THR D 79 -19.12 -8.98 24.22
C THR D 79 -19.12 -7.52 24.64
N LEU D 80 -18.42 -7.21 25.74
CA LEU D 80 -18.39 -5.86 26.27
C LEU D 80 -17.57 -4.93 25.39
N ILE D 81 -18.18 -3.84 24.93
CA ILE D 81 -17.53 -2.91 24.01
C ILE D 81 -17.00 -1.67 24.70
N SER D 82 -17.83 -1.04 25.53
CA SER D 82 -17.46 0.25 26.13
C SER D 82 -18.23 0.55 27.42
N HIS D 83 -17.66 1.45 28.22
CA HIS D 83 -18.32 1.96 29.42
C HIS D 83 -18.84 3.36 29.14
N ASN D 84 -19.98 3.71 29.73
CA ASN D 84 -20.47 5.08 29.68
C ASN D 84 -20.57 5.65 31.09
N ALA D 85 -19.55 6.42 31.48
CA ALA D 85 -19.50 7.01 32.82
C ALA D 85 -20.75 7.83 33.11
N GLU D 86 -21.04 8.79 32.23
CA GLU D 86 -22.20 9.65 32.38
C GLU D 86 -23.46 8.86 32.70
N LYS D 87 -23.80 7.90 31.85
CA LYS D 87 -25.05 7.17 31.95
C LYS D 87 -25.00 5.95 32.88
N LYS D 88 -23.83 5.71 33.49
CA LYS D 88 -23.66 4.60 34.41
C LYS D 88 -24.08 3.29 33.78
N GLY D 89 -23.48 2.95 32.64
CA GLY D 89 -23.83 1.74 31.93
C GLY D 89 -22.80 1.30 30.92
N ASP D 90 -22.98 0.10 30.37
CA ASP D 90 -22.05 -0.46 29.41
C ASP D 90 -22.74 -0.86 28.12
N ARG D 91 -22.02 -0.78 27.01
CA ARG D 91 -22.52 -1.29 25.74
C ARG D 91 -21.97 -2.69 25.45
N TYR D 92 -22.87 -3.60 25.07
CA TYR D 92 -22.48 -4.94 24.64
C TYR D 92 -22.91 -5.17 23.19
N GLU D 93 -22.14 -5.98 22.46
CA GLU D 93 -22.57 -6.45 21.15
C GLU D 93 -22.92 -7.93 21.30
N ALA D 94 -24.14 -8.31 20.91
CA ALA D 94 -24.63 -9.64 21.22
C ALA D 94 -25.07 -10.45 19.99
N GLN D 95 -24.84 -11.76 20.06
CA GLN D 95 -25.37 -12.70 19.09
C GLN D 95 -25.98 -13.85 19.85
N TYR D 96 -27.29 -14.03 19.73
CA TYR D 96 -27.96 -15.14 20.42
C TYR D 96 -29.24 -15.61 19.76
N SER D 97 -29.80 -16.71 20.27
CA SER D 97 -31.03 -17.28 19.72
C SER D 97 -32.09 -17.49 20.80
N PHE D 98 -33.35 -17.44 20.37
CA PHE D 98 -34.51 -17.77 21.21
C PHE D 98 -35.05 -19.11 20.76
N TYR D 99 -35.18 -20.06 21.68
CA TYR D 99 -35.67 -21.40 21.33
C TYR D 99 -37.10 -21.65 21.80
N PHE D 100 -37.96 -22.04 20.87
CA PHE D 100 -39.38 -22.21 21.15
C PHE D 100 -39.83 -23.66 21.06
N GLY D 101 -38.95 -24.58 21.47
CA GLY D 101 -39.26 -26.00 21.36
C GLY D 101 -39.45 -26.42 19.93
N ASP D 102 -40.44 -27.28 19.68
CA ASP D 102 -40.70 -27.81 18.34
C ASP D 102 -41.13 -26.73 17.33
N TYR D 103 -41.52 -25.56 17.82
CA TYR D 103 -41.87 -24.46 16.92
C TYR D 103 -40.68 -24.03 16.07
N GLY D 104 -39.49 -24.12 16.66
CA GLY D 104 -38.26 -23.68 16.00
C GLY D 104 -37.56 -22.61 16.83
N HIS D 105 -36.65 -21.87 16.21
CA HIS D 105 -35.96 -20.80 16.92
C HIS D 105 -35.78 -19.55 16.08
N ILE D 106 -35.51 -18.44 16.76
CA ILE D 106 -35.22 -17.16 16.11
C ILE D 106 -33.84 -16.68 16.54
N SER D 107 -33.04 -16.22 15.59
CA SER D 107 -31.71 -15.72 15.92
C SER D 107 -31.63 -14.20 15.81
N VAL D 108 -30.84 -13.58 16.68
CA VAL D 108 -30.70 -12.14 16.70
C VAL D 108 -29.24 -11.69 16.78
N GLN D 109 -29.01 -10.44 16.40
CA GLN D 109 -27.67 -9.85 16.41
C GLN D 109 -27.82 -8.36 16.62
N GLY D 110 -27.10 -7.81 17.59
CA GLY D 110 -27.17 -6.39 17.85
C GLY D 110 -26.80 -5.95 19.25
N PRO D 111 -27.18 -4.72 19.61
CA PRO D 111 -26.73 -4.08 20.85
C PRO D 111 -27.57 -4.44 22.07
N TYR D 112 -26.88 -4.66 23.18
CA TYR D 112 -27.50 -4.71 24.49
C TYR D 112 -26.82 -3.68 25.38
N ILE D 113 -27.60 -2.72 25.87
CA ILE D 113 -27.07 -1.62 26.67
C ILE D 113 -27.76 -1.61 28.02
N THR D 114 -26.97 -1.65 29.10
CA THR D 114 -27.49 -1.89 30.44
C THR D 114 -28.47 -0.82 30.94
N TYR D 115 -28.42 0.38 30.38
CA TYR D 115 -29.22 1.48 30.89
C TYR D 115 -30.36 1.92 29.98
N GLU D 116 -30.54 1.24 28.85
CA GLU D 116 -31.58 1.65 27.91
C GLU D 116 -32.05 0.53 26.97
N ASP D 117 -33.29 0.66 26.52
CA ASP D 117 -33.87 -0.26 25.55
C ASP D 117 -33.10 -0.17 24.24
N THR D 118 -33.06 -1.27 23.51
CA THR D 118 -32.41 -1.31 22.21
C THR D 118 -33.20 -2.15 21.22
N GLU D 119 -32.81 -2.09 19.96
CA GLU D 119 -33.44 -2.90 18.93
C GLU D 119 -32.36 -3.76 18.28
N LEU D 120 -32.64 -5.06 18.19
CA LEU D 120 -31.69 -5.97 17.58
C LEU D 120 -32.23 -6.47 16.24
N VAL D 121 -31.32 -6.97 15.41
CA VAL D 121 -31.69 -7.53 14.13
C VAL D 121 -32.14 -8.97 14.30
N VAL D 122 -33.26 -9.34 13.67
CA VAL D 122 -33.65 -10.74 13.55
C VAL D 122 -33.01 -11.31 12.31
N THR D 123 -32.00 -12.15 12.49
CA THR D 123 -31.22 -12.65 11.36
C THR D 123 -31.90 -13.81 10.64
N GLY D 124 -32.92 -14.38 11.26
CA GLY D 124 -33.67 -15.46 10.65
C GLY D 124 -34.24 -16.44 11.67
N GLY D 125 -34.84 -17.52 11.18
CA GLY D 125 -35.42 -18.51 12.07
C GLY D 125 -35.52 -19.89 11.48
N THR D 126 -35.99 -20.84 12.27
CA THR D 126 -36.24 -22.21 11.82
C THR D 126 -37.66 -22.62 12.16
N GLY D 127 -38.07 -23.80 11.73
CA GLY D 127 -39.43 -24.26 11.96
C GLY D 127 -40.45 -23.32 11.35
N ILE D 128 -41.40 -22.87 12.15
CA ILE D 128 -42.43 -21.97 11.66
C ILE D 128 -41.88 -20.57 11.42
N PHE D 129 -40.64 -20.35 11.84
CA PHE D 129 -39.99 -19.06 11.66
C PHE D 129 -39.04 -19.08 10.46
N ALA D 130 -38.98 -20.21 9.77
CA ALA D 130 -38.08 -20.34 8.64
C ALA D 130 -38.30 -19.22 7.62
N GLY D 131 -37.23 -18.55 7.26
CA GLY D 131 -37.29 -17.50 6.25
C GLY D 131 -37.69 -16.13 6.75
N CYS D 132 -37.85 -15.99 8.07
CA CYS D 132 -38.26 -14.71 8.62
C CYS D 132 -37.11 -13.72 8.62
N HIS D 133 -37.45 -12.44 8.67
CA HIS D 133 -36.49 -11.39 8.96
C HIS D 133 -37.22 -10.22 9.61
N GLY D 134 -36.48 -9.33 10.24
CA GLY D 134 -37.09 -8.21 10.93
C GLY D 134 -36.27 -7.66 12.08
N VAL D 135 -36.95 -7.31 13.18
CA VAL D 135 -36.30 -6.66 14.30
C VAL D 135 -36.90 -7.14 15.60
N ALA D 136 -36.12 -7.06 16.68
CA ALA D 136 -36.60 -7.40 18.01
C ALA D 136 -36.35 -6.21 18.93
N LYS D 137 -37.41 -5.73 19.58
CA LYS D 137 -37.29 -4.64 20.53
C LYS D 137 -37.01 -5.17 21.93
N LEU D 138 -35.85 -4.84 22.47
CA LEU D 138 -35.46 -5.34 23.79
C LEU D 138 -35.83 -4.34 24.87
N HIS D 139 -36.70 -4.74 25.79
CA HIS D 139 -37.02 -3.90 26.94
C HIS D 139 -36.55 -4.53 28.26
N GLN D 140 -35.79 -3.75 29.02
CA GLN D 140 -35.29 -4.19 30.34
C GLN D 140 -36.31 -3.87 31.43
N ILE D 141 -36.84 -4.91 32.07
CA ILE D 141 -37.78 -4.71 33.17
C ILE D 141 -37.04 -4.65 34.51
N ILE D 142 -36.28 -5.69 34.82
CA ILE D 142 -35.45 -5.72 36.03
C ILE D 142 -34.02 -6.08 35.65
N PHE D 143 -33.09 -5.17 35.90
CA PHE D 143 -31.70 -5.38 35.53
C PHE D 143 -31.00 -6.37 36.46
N PRO D 144 -30.40 -7.43 35.90
CA PRO D 144 -30.51 -7.77 34.47
C PRO D 144 -31.29 -9.05 34.26
N VAL D 145 -32.11 -9.44 35.25
CA VAL D 145 -32.70 -10.78 35.28
C VAL D 145 -34.08 -10.91 34.64
N LYS D 146 -34.67 -9.81 34.18
CA LYS D 146 -36.01 -9.88 33.58
C LYS D 146 -36.16 -8.92 32.41
N LEU D 147 -36.41 -9.47 31.22
CA LEU D 147 -36.53 -8.67 30.02
C LEU D 147 -37.81 -9.00 29.24
N PHE D 148 -38.20 -8.08 28.38
CA PHE D 148 -39.40 -8.22 27.55
C PHE D 148 -39.03 -7.91 26.10
N TYR D 149 -39.45 -8.78 25.18
CA TYR D 149 -39.16 -8.57 23.77
C TYR D 149 -40.44 -8.52 22.94
N THR D 150 -40.41 -7.73 21.88
CA THR D 150 -41.42 -7.82 20.84
C THR D 150 -40.73 -8.02 19.51
N PHE D 151 -40.98 -9.17 18.89
CA PHE D 151 -40.43 -9.45 17.57
C PHE D 151 -41.35 -8.91 16.50
N TYR D 152 -40.78 -8.25 15.49
CA TYR D 152 -41.52 -7.86 14.31
C TYR D 152 -41.05 -8.71 13.14
N LEU D 153 -41.82 -9.74 12.83
CA LEU D 153 -41.38 -10.78 11.90
C LEU D 153 -42.00 -10.65 10.51
N GLN D 154 -41.14 -10.63 9.50
CA GLN D 154 -41.60 -10.48 8.12
C GLN D 154 -41.38 -11.75 7.31
N GLY D 155 -42.37 -12.11 6.50
CA GLY D 155 -42.19 -13.13 5.48
C GLY D 155 -42.62 -14.56 5.77
N ILE D 156 -43.31 -14.78 6.89
CA ILE D 156 -43.72 -16.13 7.26
C ILE D 156 -45.23 -16.25 7.40
N LYS D 157 -45.73 -17.47 7.41
CA LYS D 157 -47.16 -17.73 7.54
C LYS D 157 -47.67 -17.39 8.94
N LYS D 158 -48.99 -17.37 9.07
CA LYS D 158 -49.65 -17.00 10.32
C LYS D 158 -49.17 -17.78 11.53
N LEU D 159 -48.76 -17.05 12.57
CA LEU D 159 -48.35 -17.67 13.82
C LEU D 159 -49.51 -18.42 14.46
N PRO D 160 -49.22 -19.55 15.11
CA PRO D 160 -50.25 -20.32 15.81
C PRO D 160 -50.80 -19.53 16.99
N GLU D 161 -52.07 -19.74 17.32
CA GLU D 161 -52.73 -18.94 18.35
C GLU D 161 -52.04 -19.01 19.72
N GLU D 162 -51.43 -20.15 20.03
CA GLU D 162 -50.77 -20.34 21.32
C GLU D 162 -49.60 -19.36 21.54
N LEU D 163 -49.04 -18.84 20.45
CA LEU D 163 -47.99 -17.85 20.57
C LEU D 163 -48.54 -16.42 20.45
N CYS D 164 -49.85 -16.30 20.28
CA CYS D 164 -50.49 -15.00 20.08
C CYS D 164 -51.55 -14.68 21.13
N ALA D 165 -51.37 -15.18 22.34
CA ALA D 165 -52.29 -14.88 23.42
C ALA D 165 -52.14 -13.43 23.86
N SER D 166 -53.16 -12.91 24.54
CA SER D 166 -53.12 -11.53 25.02
C SER D 166 -51.87 -11.25 25.84
N VAL D 167 -51.11 -10.24 25.43
CA VAL D 167 -49.83 -9.92 26.06
C VAL D 167 -50.00 -9.15 27.37
N VAL D 168 -49.40 -9.66 28.43
CA VAL D 168 -49.35 -8.96 29.70
C VAL D 168 -48.40 -7.78 29.59
N PRO D 169 -48.90 -6.55 29.83
CA PRO D 169 -48.03 -5.37 29.80
C PRO D 169 -46.85 -5.58 30.74
N PRO D 170 -45.63 -5.33 30.25
CA PRO D 170 -44.42 -5.57 31.03
C PRO D 170 -44.29 -4.65 32.25
N SER D 171 -44.05 -5.26 33.40
CA SER D 171 -43.80 -4.53 34.64
C SER D 171 -43.00 -5.43 35.59
N PRO D 172 -42.31 -4.83 36.57
CA PRO D 172 -41.56 -5.62 37.55
C PRO D 172 -42.43 -6.68 38.21
N SER D 173 -43.74 -6.45 38.24
CA SER D 173 -44.68 -7.36 38.87
C SER D 173 -44.99 -8.58 38.00
N ALA D 174 -44.72 -8.46 36.71
CA ALA D 174 -45.01 -9.53 35.76
C ALA D 174 -44.30 -10.84 36.14
N GLU D 175 -45.09 -11.89 36.33
CA GLU D 175 -44.57 -13.20 36.70
C GLU D 175 -45.30 -14.28 35.93
N PRO D 176 -44.59 -15.37 35.59
CA PRO D 176 -45.21 -16.50 34.91
C PRO D 176 -46.08 -17.31 35.87
N SER D 177 -47.07 -18.01 35.35
CA SER D 177 -47.94 -18.84 36.17
C SER D 177 -47.15 -20.00 36.77
N GLU D 178 -47.61 -20.48 37.93
CA GLU D 178 -46.95 -21.59 38.61
C GLU D 178 -46.98 -22.85 37.75
N GLN D 179 -48.02 -22.98 36.92
CA GLN D 179 -48.12 -24.08 35.98
C GLN D 179 -46.98 -24.01 34.96
N ALA D 180 -46.70 -22.79 34.48
CA ALA D 180 -45.63 -22.57 33.53
C ALA D 180 -44.27 -22.77 34.18
N LYS D 181 -44.12 -22.24 35.39
CA LYS D 181 -42.88 -22.38 36.15
C LYS D 181 -42.53 -23.85 36.38
N LYS D 182 -43.56 -24.66 36.60
CA LYS D 182 -43.35 -26.07 36.87
C LYS D 182 -43.46 -26.92 35.60
N CYS D 183 -43.47 -26.25 34.46
CA CYS D 183 -43.49 -26.92 33.16
C CYS D 183 -44.58 -27.98 33.05
N HIS D 184 -45.79 -27.61 33.45
CA HIS D 184 -46.95 -28.50 33.32
C HIS D 184 -47.32 -28.62 31.84
N PRO D 185 -47.68 -29.84 31.41
CA PRO D 185 -48.04 -30.09 30.00
C PRO D 185 -49.04 -29.09 29.47
N SER D 186 -49.88 -28.55 30.34
CA SER D 186 -50.89 -27.57 29.94
C SER D 186 -50.28 -26.20 29.69
N SER D 187 -49.04 -26.01 30.14
CA SER D 187 -48.42 -24.70 30.12
C SER D 187 -47.00 -24.70 29.55
N VAL D 188 -46.76 -25.51 28.54
CA VAL D 188 -45.47 -25.53 27.87
C VAL D 188 -45.63 -25.66 26.37
N ALA D 189 -44.63 -25.20 25.63
CA ALA D 189 -44.57 -25.47 24.20
C ALA D 189 -44.26 -26.94 24.01
N PRO D 190 -44.66 -27.51 22.86
CA PRO D 190 -44.35 -28.92 22.60
C PRO D 190 -42.86 -29.16 22.66
N ASN D 191 -42.42 -30.04 23.55
CA ASN D 191 -41.00 -30.30 23.74
C ASN D 191 -40.23 -29.00 23.97
N PHE D 192 -40.76 -28.16 24.85
CA PHE D 192 -40.13 -26.88 25.17
C PHE D 192 -38.64 -27.03 25.38
N THR D 193 -37.86 -26.06 24.90
CA THR D 193 -36.42 -26.13 24.99
C THR D 193 -35.95 -25.94 26.44
N ASN D 194 -35.02 -26.80 26.87
CA ASN D 194 -34.48 -26.70 28.23
C ASN D 194 -33.00 -27.07 28.28
N GLY E 2 11.43 50.11 -20.92
CA GLY E 2 10.02 49.88 -20.65
C GLY E 2 9.77 48.55 -19.97
N PRO E 3 8.50 48.24 -19.70
CA PRO E 3 8.07 47.00 -19.04
C PRO E 3 8.63 45.75 -19.70
N LEU E 4 8.42 45.61 -21.00
CA LEU E 4 8.89 44.44 -21.74
C LEU E 4 10.41 44.45 -21.86
N GLY E 5 11.02 45.63 -21.84
CA GLY E 5 12.46 45.73 -21.86
C GLY E 5 13.05 45.17 -20.58
N SER E 6 12.55 45.64 -19.45
CA SER E 6 12.98 45.13 -18.15
C SER E 6 12.70 43.64 -18.07
N MET E 7 11.56 43.22 -18.62
CA MET E 7 11.17 41.83 -18.65
C MET E 7 12.19 41.03 -19.46
N GLY E 8 12.67 41.62 -20.55
CA GLY E 8 13.69 41.00 -21.37
C GLY E 8 15.03 40.88 -20.68
N ASN E 9 15.55 42.02 -20.22
CA ASN E 9 16.85 42.08 -19.56
C ASN E 9 16.98 41.07 -18.44
N LYS E 10 15.92 40.92 -17.64
CA LYS E 10 15.93 39.98 -16.53
C LYS E 10 16.22 38.55 -16.97
N VAL E 11 15.66 38.15 -18.11
CA VAL E 11 15.91 36.82 -18.66
C VAL E 11 17.30 36.70 -19.29
N ASP E 12 17.70 37.74 -20.04
CA ASP E 12 19.01 37.76 -20.66
C ASP E 12 20.10 37.49 -19.63
N LYS E 13 20.08 38.27 -18.55
CA LYS E 13 21.09 38.18 -17.51
C LYS E 13 21.03 36.82 -16.78
N LEU E 14 20.10 35.97 -17.20
CA LEU E 14 19.94 34.66 -16.57
C LEU E 14 20.60 33.56 -17.39
N ALA E 15 20.86 33.83 -18.66
CA ALA E 15 21.63 32.92 -19.51
C ALA E 15 23.08 33.37 -19.54
N GLY E 16 23.39 34.37 -18.72
CA GLY E 16 24.72 34.92 -18.64
C GLY E 16 25.61 34.07 -17.76
N VAL E 17 26.91 34.22 -17.94
CA VAL E 17 27.89 33.45 -17.17
C VAL E 17 28.46 34.26 -16.02
N GLN E 18 28.53 33.64 -14.85
CA GLN E 18 29.18 34.23 -13.70
C GLN E 18 30.38 33.39 -13.28
N GLU E 19 31.47 34.05 -12.93
CA GLU E 19 32.66 33.36 -12.44
C GLU E 19 32.67 33.25 -10.92
N LEU E 20 33.15 32.12 -10.43
CA LEU E 20 33.27 31.89 -9.00
C LEU E 20 34.55 31.09 -8.77
N SER E 21 35.47 31.65 -8.00
CA SER E 21 36.74 30.97 -7.73
C SER E 21 36.87 30.56 -6.26
N VAL E 22 37.50 29.42 -6.03
CA VAL E 22 37.63 28.88 -4.69
C VAL E 22 38.93 28.11 -4.54
N TYR E 23 39.37 27.93 -3.30
CA TYR E 23 40.53 27.11 -3.00
C TYR E 23 40.09 25.86 -2.27
N GLU E 24 40.59 24.71 -2.71
CA GLU E 24 40.36 23.46 -2.00
C GLU E 24 41.66 23.00 -1.34
N ILE E 25 41.63 22.87 -0.03
CA ILE E 25 42.84 22.54 0.71
C ILE E 25 42.65 21.31 1.58
N ASN E 26 43.49 20.30 1.37
CA ASN E 26 43.57 19.16 2.28
C ASN E 26 44.49 19.53 3.43
N GLU E 27 43.90 19.83 4.58
CA GLU E 27 44.69 20.24 5.75
C GLU E 27 45.03 19.03 6.62
N ARG E 28 44.76 17.84 6.10
CA ARG E 28 45.12 16.58 6.77
C ARG E 28 44.63 16.54 8.22
N ASP E 29 43.37 16.90 8.42
CA ASP E 29 42.80 17.00 9.75
C ASP E 29 41.58 16.10 9.93
N ARG E 30 41.20 15.38 8.87
CA ARG E 30 40.02 14.53 8.92
C ARG E 30 40.16 13.20 8.17
N GLY E 31 41.35 12.61 8.23
CA GLY E 31 41.57 11.27 7.69
C GLY E 31 41.32 11.12 6.21
N SER E 32 41.41 12.22 5.46
CA SER E 32 41.17 12.20 4.02
C SER E 32 42.46 12.47 3.26
N PRO E 33 42.66 11.80 2.12
CA PRO E 33 41.70 10.87 1.52
C PRO E 33 41.88 9.45 2.04
N VAL E 34 40.92 8.59 1.73
CA VAL E 34 41.01 7.19 2.08
C VAL E 34 41.25 6.37 0.82
N ILE E 35 42.27 5.51 0.86
CA ILE E 35 42.52 4.64 -0.28
C ILE E 35 41.88 3.28 -0.06
N LEU E 36 40.97 2.91 -0.95
CA LEU E 36 40.38 1.58 -0.95
C LEU E 36 41.01 0.80 -2.09
N PRO E 37 42.11 0.08 -1.79
CA PRO E 37 42.96 -0.58 -2.78
C PRO E 37 42.29 -1.82 -3.36
N PHE E 38 41.12 -1.65 -3.95
CA PHE E 38 40.32 -2.78 -4.40
C PHE E 38 40.85 -3.42 -5.68
N GLY E 39 41.78 -2.73 -6.35
CA GLY E 39 42.44 -3.25 -7.53
C GLY E 39 43.30 -4.46 -7.18
N GLY E 40 43.73 -4.51 -5.93
CA GLY E 40 44.49 -5.64 -5.42
C GLY E 40 45.80 -5.91 -6.15
N LYS E 41 46.46 -4.84 -6.61
CA LYS E 41 47.74 -4.99 -7.28
C LYS E 41 48.92 -4.73 -6.34
N LYS E 42 49.98 -5.52 -6.50
CA LYS E 42 51.18 -5.37 -5.68
C LYS E 42 52.44 -5.41 -6.54
N ASP E 43 53.41 -4.56 -6.21
CA ASP E 43 54.65 -4.48 -6.97
C ASP E 43 55.66 -5.56 -6.52
N GLU E 44 56.93 -5.32 -6.80
CA GLU E 44 57.97 -6.30 -6.49
C GLU E 44 58.32 -6.34 -5.01
N ASN E 45 57.61 -5.55 -4.21
CA ASN E 45 57.84 -5.52 -2.77
C ASN E 45 56.65 -6.05 -1.97
N GLY E 46 55.56 -6.31 -2.68
CA GLY E 46 54.33 -6.72 -2.01
C GLY E 46 53.63 -5.54 -1.39
N ALA E 47 54.01 -4.33 -1.83
CA ALA E 47 53.35 -3.11 -1.40
C ALA E 47 52.18 -2.82 -2.34
N HIS E 48 51.35 -1.87 -1.97
CA HIS E 48 50.22 -1.49 -2.82
C HIS E 48 50.72 -0.91 -4.14
N ALA E 49 50.09 -1.34 -5.24
CA ALA E 49 50.37 -0.76 -6.54
C ALA E 49 49.08 -0.35 -7.23
N ASN E 50 49.07 0.85 -7.79
CA ASN E 50 47.87 1.37 -8.44
C ASN E 50 47.35 0.46 -9.56
N SER E 51 46.03 0.28 -9.60
CA SER E 51 45.38 -0.46 -10.67
C SER E 51 43.90 -0.08 -10.78
N LEU E 52 43.35 -0.18 -11.98
CA LEU E 52 41.96 0.15 -12.21
C LEU E 52 41.06 -0.49 -11.16
N GLY E 53 40.24 0.33 -10.51
CA GLY E 53 39.34 -0.19 -9.49
C GLY E 53 39.60 0.36 -8.10
N ASP E 54 40.77 0.95 -7.90
CA ASP E 54 41.05 1.61 -6.63
C ASP E 54 40.06 2.76 -6.47
N LEU E 55 39.42 2.84 -5.31
CA LEU E 55 38.46 3.91 -5.06
C LEU E 55 39.02 4.85 -3.98
N VAL E 56 38.81 6.16 -4.17
CA VAL E 56 39.36 7.15 -3.27
C VAL E 56 38.28 8.14 -2.82
N PRO E 57 37.55 7.80 -1.74
CA PRO E 57 36.65 8.75 -1.09
C PRO E 57 37.46 9.89 -0.50
N PHE E 58 36.94 11.11 -0.56
CA PHE E 58 37.67 12.26 -0.05
C PHE E 58 36.77 13.38 0.42
N SER E 59 37.32 14.24 1.27
CA SER E 59 36.64 15.45 1.70
C SER E 59 37.69 16.46 2.18
N ASN E 60 37.75 17.61 1.50
CA ASN E 60 38.69 18.66 1.84
C ASN E 60 37.98 19.96 2.23
N LYS E 61 38.74 20.93 2.74
CA LYS E 61 38.17 22.23 3.10
C LYS E 61 38.11 23.15 1.88
N VAL E 62 37.12 24.03 1.88
CA VAL E 62 36.96 24.99 0.79
C VAL E 62 36.97 26.43 1.31
N TYR E 63 37.86 27.23 0.74
CA TYR E 63 37.97 28.65 1.10
C TYR E 63 37.59 29.52 -0.10
N ASP E 64 37.17 30.75 0.17
CA ASP E 64 36.79 31.65 -0.92
C ASP E 64 38.02 32.09 -1.72
N GLY E 65 37.79 32.70 -2.86
CA GLY E 65 38.86 33.12 -3.76
C GLY E 65 39.85 34.10 -3.15
N SER E 66 39.40 34.87 -2.16
CA SER E 66 40.28 35.83 -1.50
C SER E 66 41.03 35.17 -0.35
N LEU E 67 40.70 33.92 -0.07
CA LEU E 67 41.35 33.15 0.99
C LEU E 67 41.17 33.77 2.37
N GLN E 68 40.14 34.59 2.52
CA GLN E 68 39.86 35.24 3.80
C GLN E 68 38.64 34.61 4.48
N ARG E 69 38.07 33.61 3.84
CA ARG E 69 36.78 33.10 4.28
C ARG E 69 36.66 31.59 4.08
N ARG E 70 36.39 30.87 5.17
CA ARG E 70 36.10 29.45 5.10
C ARG E 70 34.64 29.24 4.66
N LEU E 71 34.47 28.59 3.51
CA LEU E 71 33.13 28.43 2.94
C LEU E 71 32.48 27.09 3.30
N GLY E 72 33.25 26.02 3.27
CA GLY E 72 32.73 24.70 3.54
C GLY E 72 33.69 23.56 3.23
N ILE E 73 33.20 22.54 2.52
CA ILE E 73 34.01 21.37 2.19
C ILE E 73 33.69 20.83 0.80
N THR E 74 34.60 20.03 0.26
CA THR E 74 34.25 19.14 -0.84
C THR E 74 33.92 17.77 -0.26
N ALA E 75 33.20 16.96 -1.03
CA ALA E 75 32.88 15.60 -0.60
C ALA E 75 32.49 14.75 -1.79
N GLY E 76 33.13 13.59 -1.94
CA GLY E 76 32.84 12.70 -3.05
C GLY E 76 33.83 11.56 -3.19
N ILE E 77 33.99 11.07 -4.42
CA ILE E 77 34.83 9.91 -4.69
C ILE E 77 35.52 10.01 -6.04
N CYS E 78 36.70 9.43 -6.11
CA CYS E 78 37.47 9.30 -7.35
C CYS E 78 37.67 7.81 -7.64
N THR E 79 37.50 7.43 -8.90
CA THR E 79 37.81 6.07 -9.31
C THR E 79 39.05 6.09 -10.20
N LEU E 80 40.02 5.23 -9.88
CA LEU E 80 41.24 5.15 -10.68
C LEU E 80 40.94 4.47 -12.02
N ILE E 81 41.40 5.10 -13.10
CA ILE E 81 41.10 4.63 -14.44
C ILE E 81 42.35 4.12 -15.14
N SER E 82 43.43 4.89 -15.09
CA SER E 82 44.68 4.52 -15.74
C SER E 82 45.89 5.10 -15.03
N HIS E 83 47.02 4.44 -15.18
CA HIS E 83 48.23 4.84 -14.45
C HIS E 83 49.45 4.16 -15.04
N ASN E 84 50.62 4.75 -14.80
CA ASN E 84 51.90 4.11 -15.11
C ASN E 84 52.99 4.61 -14.17
N ALA E 85 54.24 4.32 -14.52
CA ALA E 85 55.37 4.59 -13.63
C ALA E 85 55.64 6.08 -13.35
N GLU E 86 55.07 6.96 -14.15
CA GLU E 86 55.32 8.40 -14.01
C GLU E 86 54.34 9.06 -13.04
N LYS E 87 54.80 10.10 -12.35
CA LYS E 87 53.96 10.87 -11.46
C LYS E 87 52.78 11.49 -12.23
N LYS E 88 53.08 12.01 -13.41
CA LYS E 88 52.10 12.76 -14.19
C LYS E 88 51.25 11.87 -15.10
N GLY E 89 49.95 12.14 -15.16
CA GLY E 89 49.09 11.52 -16.15
C GLY E 89 48.14 10.45 -15.66
N ASP E 90 48.26 10.03 -14.41
CA ASP E 90 47.32 9.09 -13.83
C ASP E 90 45.91 9.67 -13.92
N ARG E 91 44.97 8.90 -14.45
CA ARG E 91 43.62 9.38 -14.64
C ARG E 91 42.63 8.79 -13.64
N TYR E 92 41.80 9.66 -13.07
CA TYR E 92 40.68 9.25 -12.23
C TYR E 92 39.39 9.83 -12.80
N GLU E 93 38.27 9.15 -12.56
CA GLU E 93 36.95 9.69 -12.85
C GLU E 93 36.30 10.05 -11.51
N ALA E 94 35.82 11.29 -11.40
CA ALA E 94 35.34 11.80 -10.13
C ALA E 94 33.89 12.28 -10.15
N GLN E 95 33.19 12.04 -9.04
CA GLN E 95 31.90 12.67 -8.80
C GLN E 95 31.92 13.24 -7.39
N TYR E 96 31.79 14.56 -7.28
CA TYR E 96 31.75 15.19 -5.95
C TYR E 96 31.03 16.53 -5.92
N SER E 97 30.82 17.04 -4.70
CA SER E 97 30.12 18.32 -4.51
C SER E 97 30.94 19.29 -3.66
N PHE E 98 30.72 20.58 -3.91
CA PHE E 98 31.28 21.65 -3.11
C PHE E 98 30.18 22.21 -2.22
N TYR E 99 30.39 22.20 -0.91
CA TYR E 99 29.39 22.71 0.02
C TYR E 99 29.76 24.09 0.57
N PHE E 100 28.85 25.05 0.40
CA PHE E 100 29.10 26.45 0.78
C PHE E 100 28.25 26.88 1.97
N GLY E 101 28.05 25.99 2.93
CA GLY E 101 27.17 26.29 4.04
C GLY E 101 25.76 26.62 3.58
N ASP E 102 25.16 27.64 4.18
CA ASP E 102 23.77 28.00 3.88
C ASP E 102 23.53 28.52 2.45
N TYR E 103 24.61 28.89 1.76
CA TYR E 103 24.45 29.33 0.37
C TYR E 103 23.94 28.20 -0.53
N GLY E 104 24.27 26.96 -0.16
CA GLY E 104 23.89 25.80 -0.96
C GLY E 104 25.10 25.00 -1.39
N HIS E 105 24.96 24.19 -2.43
CA HIS E 105 26.08 23.42 -2.94
C HIS E 105 26.11 23.31 -4.46
N ILE E 106 27.27 22.92 -4.98
CA ILE E 106 27.46 22.70 -6.41
C ILE E 106 28.02 21.29 -6.63
N SER E 107 27.43 20.54 -7.55
CA SER E 107 27.91 19.19 -7.84
C SER E 107 28.68 19.13 -9.16
N VAL E 108 29.70 18.28 -9.21
CA VAL E 108 30.53 18.16 -10.41
C VAL E 108 30.79 16.70 -10.80
N GLN E 109 31.16 16.51 -12.06
CA GLN E 109 31.41 15.20 -12.61
C GLN E 109 32.48 15.36 -13.69
N GLY E 110 33.52 14.53 -13.63
CA GLY E 110 34.57 14.63 -14.63
C GLY E 110 35.93 14.08 -14.21
N PRO E 111 36.96 14.42 -15.00
CA PRO E 111 38.30 13.85 -14.88
C PRO E 111 39.18 14.58 -13.87
N TYR E 112 39.90 13.80 -13.07
CA TYR E 112 40.97 14.33 -12.25
C TYR E 112 42.25 13.62 -12.68
N ILE E 113 43.23 14.37 -13.14
CA ILE E 113 44.47 13.80 -13.65
C ILE E 113 45.69 14.37 -12.93
N THR E 114 46.54 13.48 -12.43
CA THR E 114 47.68 13.92 -11.61
C THR E 114 48.63 14.84 -12.36
N TYR E 115 48.84 16.04 -11.80
CA TYR E 115 49.78 17.02 -12.34
C TYR E 115 49.32 17.61 -13.68
N GLU E 116 48.03 17.52 -13.94
CA GLU E 116 47.44 18.15 -15.12
C GLU E 116 46.16 18.87 -14.73
N ASP E 117 45.95 20.04 -15.33
CA ASP E 117 44.71 20.78 -15.13
C ASP E 117 43.61 20.09 -15.92
N THR E 118 42.39 20.11 -15.39
CA THR E 118 41.25 19.54 -16.09
C THR E 118 40.02 20.41 -16.01
N GLU E 119 39.00 20.03 -16.77
CA GLU E 119 37.72 20.72 -16.72
C GLU E 119 36.63 19.72 -16.38
N LEU E 120 35.77 20.08 -15.45
CA LEU E 120 34.71 19.18 -15.01
C LEU E 120 33.34 19.78 -15.33
N VAL E 121 32.34 18.90 -15.45
CA VAL E 121 30.97 19.33 -15.66
C VAL E 121 30.35 19.77 -14.34
N VAL E 122 29.74 20.95 -14.34
CA VAL E 122 28.87 21.35 -13.23
C VAL E 122 27.48 20.80 -13.53
N THR E 123 27.10 19.75 -12.80
CA THR E 123 25.85 19.07 -13.07
C THR E 123 24.65 19.83 -12.53
N GLY E 124 24.90 20.80 -11.64
CA GLY E 124 23.85 21.61 -11.07
C GLY E 124 24.19 22.08 -9.66
N GLY E 125 23.23 22.71 -8.99
CA GLY E 125 23.45 23.24 -7.66
C GLY E 125 22.18 23.36 -6.84
N THR E 126 22.33 23.78 -5.59
CA THR E 126 21.18 24.05 -4.72
C THR E 126 21.32 25.42 -4.10
N GLY E 127 20.28 25.88 -3.41
CA GLY E 127 20.29 27.19 -2.79
C GLY E 127 20.43 28.28 -3.82
N ILE E 128 21.40 29.17 -3.63
CA ILE E 128 21.63 30.25 -4.59
C ILE E 128 22.19 29.71 -5.90
N PHE E 129 22.58 28.43 -5.90
CA PHE E 129 23.11 27.80 -7.11
C PHE E 129 22.06 26.95 -7.81
N ALA E 130 20.84 26.96 -7.28
CA ALA E 130 19.76 26.11 -7.80
C ALA E 130 19.52 26.32 -9.29
N GLY E 131 19.63 25.24 -10.06
CA GLY E 131 19.34 25.28 -11.49
C GLY E 131 20.51 25.75 -12.34
N CYS E 132 21.69 25.84 -11.73
CA CYS E 132 22.87 26.29 -12.47
C CYS E 132 23.35 25.21 -13.42
N HIS E 133 24.21 25.60 -14.36
CA HIS E 133 24.85 24.66 -15.26
C HIS E 133 26.13 25.28 -15.79
N GLY E 134 27.06 24.45 -16.25
CA GLY E 134 28.32 24.94 -16.76
C GLY E 134 29.51 24.05 -16.49
N VAL E 135 30.67 24.68 -16.27
CA VAL E 135 31.94 23.99 -16.19
C VAL E 135 32.75 24.46 -14.99
N ALA E 136 33.64 23.60 -14.50
CA ALA E 136 34.57 23.95 -13.43
C ALA E 136 36.00 23.65 -13.86
N LYS E 137 36.87 24.65 -13.81
CA LYS E 137 38.26 24.46 -14.17
C LYS E 137 39.11 24.12 -12.94
N LEU E 138 39.73 22.95 -12.96
CA LEU E 138 40.53 22.48 -11.84
C LEU E 138 42.02 22.69 -12.09
N HIS E 139 42.68 23.39 -11.17
CA HIS E 139 44.13 23.61 -11.25
C HIS E 139 44.82 23.17 -9.96
N GLN E 140 45.79 22.26 -10.11
CA GLN E 140 46.56 21.78 -8.95
C GLN E 140 47.74 22.69 -8.65
N ILE E 141 47.76 23.25 -7.44
CA ILE E 141 48.83 24.15 -7.02
C ILE E 141 49.95 23.35 -6.36
N ILE E 142 49.62 22.61 -5.32
CA ILE E 142 50.54 21.65 -4.72
C ILE E 142 49.88 20.28 -4.71
N PHE E 143 50.36 19.37 -5.56
CA PHE E 143 49.77 18.04 -5.63
C PHE E 143 50.14 17.24 -4.38
N PRO E 144 49.15 16.65 -3.72
CA PRO E 144 47.73 16.77 -4.07
C PRO E 144 46.93 17.51 -2.99
N VAL E 145 47.56 18.39 -2.23
CA VAL E 145 46.91 18.98 -1.06
C VAL E 145 46.28 20.38 -1.26
N LYS E 146 46.67 21.07 -2.32
CA LYS E 146 46.17 22.43 -2.54
C LYS E 146 45.74 22.65 -3.99
N LEU E 147 44.44 22.90 -4.19
CA LEU E 147 43.88 23.10 -5.52
C LEU E 147 43.12 24.42 -5.65
N PHE E 148 42.97 24.88 -6.90
CA PHE E 148 42.24 26.12 -7.19
C PHE E 148 41.22 25.86 -8.30
N TYR E 149 39.98 26.33 -8.09
CA TYR E 149 38.92 26.14 -9.06
C TYR E 149 38.31 27.48 -9.50
N THR E 150 37.92 27.55 -10.76
CA THR E 150 37.03 28.62 -11.21
C THR E 150 35.78 28.00 -11.85
N PHE E 151 34.63 28.26 -11.25
CA PHE E 151 33.36 27.81 -11.79
C PHE E 151 32.82 28.82 -12.80
N TYR E 152 32.31 28.33 -13.92
CA TYR E 152 31.62 29.19 -14.88
C TYR E 152 30.15 28.79 -14.89
N LEU E 153 29.34 29.57 -14.19
CA LEU E 153 27.96 29.19 -13.90
C LEU E 153 26.93 29.99 -14.67
N GLN E 154 25.95 29.30 -15.23
CA GLN E 154 24.85 29.93 -15.93
C GLN E 154 23.51 29.57 -15.29
N GLY E 155 22.54 30.47 -15.43
CA GLY E 155 21.18 30.19 -15.05
C GLY E 155 20.77 30.62 -13.64
N ILE E 156 21.65 31.34 -12.96
CA ILE E 156 21.37 31.76 -11.59
C ILE E 156 21.47 33.27 -11.40
N LYS E 157 20.94 33.75 -10.28
CA LYS E 157 20.93 35.18 -9.97
C LYS E 157 22.34 35.64 -9.60
N LYS E 158 22.54 36.96 -9.56
CA LYS E 158 23.83 37.55 -9.21
C LYS E 158 24.36 37.02 -7.88
N LEU E 159 25.58 36.48 -7.92
CA LEU E 159 26.21 35.95 -6.71
C LEU E 159 26.42 37.04 -5.67
N PRO E 160 26.30 36.68 -4.38
CA PRO E 160 26.50 37.64 -3.29
C PRO E 160 27.94 38.15 -3.22
N GLU E 161 28.12 39.34 -2.65
CA GLU E 161 29.43 39.96 -2.53
C GLU E 161 30.40 39.10 -1.72
N GLU E 162 29.87 38.39 -0.73
CA GLU E 162 30.67 37.55 0.14
C GLU E 162 31.43 36.47 -0.63
N LEU E 163 30.97 36.16 -1.84
CA LEU E 163 31.58 35.11 -2.65
C LEU E 163 32.32 35.65 -3.86
N CYS E 164 32.42 36.98 -3.96
CA CYS E 164 32.98 37.62 -5.14
C CYS E 164 34.14 38.56 -4.83
N ALA E 165 34.76 38.39 -3.67
CA ALA E 165 35.90 39.21 -3.30
C ALA E 165 37.08 39.02 -4.26
N SER E 166 37.96 40.01 -4.35
CA SER E 166 39.13 39.95 -5.21
C SER E 166 39.87 38.63 -5.00
N VAL E 167 40.18 37.94 -6.10
CA VAL E 167 40.77 36.62 -6.03
C VAL E 167 42.29 36.65 -5.93
N VAL E 168 42.82 35.92 -4.95
CA VAL E 168 44.27 35.76 -4.83
C VAL E 168 44.76 34.84 -5.93
N PRO E 169 45.71 35.32 -6.75
CA PRO E 169 46.25 34.49 -7.83
C PRO E 169 46.87 33.21 -7.27
N PRO E 170 46.57 32.06 -7.90
CA PRO E 170 47.04 30.75 -7.45
C PRO E 170 48.56 30.61 -7.45
N SER E 171 49.12 30.20 -6.32
CA SER E 171 50.54 29.90 -6.22
C SER E 171 50.80 29.08 -4.96
N PRO E 172 51.92 28.35 -4.91
CA PRO E 172 52.22 27.50 -3.77
C PRO E 172 52.20 28.26 -2.43
N SER E 173 52.47 29.56 -2.47
CA SER E 173 52.54 30.36 -1.25
C SER E 173 51.17 30.85 -0.77
N ALA E 174 50.14 30.69 -1.59
CA ALA E 174 48.80 31.15 -1.24
C ALA E 174 48.25 30.40 -0.03
N GLU E 175 47.92 31.14 1.02
CA GLU E 175 47.43 30.53 2.26
C GLU E 175 46.19 31.27 2.77
N PRO E 176 45.27 30.53 3.40
CA PRO E 176 44.11 31.17 4.02
C PRO E 176 44.54 31.98 5.25
N SER E 177 43.80 33.03 5.57
CA SER E 177 44.09 33.82 6.76
C SER E 177 44.01 32.93 8.00
N GLU E 178 44.65 33.37 9.08
CA GLU E 178 44.62 32.62 10.33
C GLU E 178 43.20 32.60 10.90
N GLN E 179 42.47 33.68 10.67
CA GLN E 179 41.08 33.79 11.11
C GLN E 179 40.17 32.81 10.37
N ALA E 180 40.40 32.68 9.07
CA ALA E 180 39.65 31.73 8.26
C ALA E 180 40.00 30.31 8.67
N LYS E 181 41.30 30.05 8.84
CA LYS E 181 41.77 28.74 9.25
C LYS E 181 41.17 28.32 10.58
N LYS E 182 40.98 29.30 11.47
CA LYS E 182 40.45 29.05 12.80
C LYS E 182 38.93 29.08 12.84
N CYS E 183 38.32 29.45 11.72
CA CYS E 183 36.86 29.51 11.62
C CYS E 183 36.27 30.60 12.52
N HIS E 184 36.94 31.74 12.58
CA HIS E 184 36.43 32.88 13.32
C HIS E 184 35.08 33.29 12.74
N PRO E 185 34.13 33.66 13.61
CA PRO E 185 32.77 34.00 13.16
C PRO E 185 32.79 35.10 12.10
N SER E 186 33.86 35.88 12.07
CA SER E 186 34.00 36.95 11.10
C SER E 186 34.51 36.44 9.76
N SER E 187 34.98 35.20 9.74
CA SER E 187 35.67 34.66 8.57
C SER E 187 35.13 33.32 8.09
N VAL E 188 33.81 33.16 8.13
CA VAL E 188 33.18 31.93 7.68
C VAL E 188 31.86 32.22 6.99
N ALA E 189 31.46 31.34 6.08
CA ALA E 189 30.14 31.43 5.47
C ALA E 189 29.09 31.09 6.52
N PRO E 190 27.87 31.61 6.35
CA PRO E 190 26.77 31.31 7.29
C PRO E 190 26.61 29.80 7.47
N ASN E 191 26.82 29.32 8.69
CA ASN E 191 26.77 27.89 8.97
C ASN E 191 27.66 27.08 8.03
N PHE E 192 28.89 27.55 7.87
CA PHE E 192 29.86 26.91 6.99
C PHE E 192 29.89 25.39 7.21
N THR E 193 30.05 24.65 6.11
CA THR E 193 30.01 23.20 6.18
C THR E 193 31.31 22.63 6.73
N ASN E 194 31.20 21.65 7.63
CA ASN E 194 32.36 21.01 8.23
C ASN E 194 32.14 19.50 8.37
N GLY F 2 15.61 40.58 -39.87
CA GLY F 2 16.37 41.74 -39.47
C GLY F 2 17.23 41.49 -38.23
N PRO F 3 17.75 42.57 -37.64
CA PRO F 3 18.63 42.54 -36.47
C PRO F 3 18.05 41.73 -35.31
N LEU F 4 16.82 42.03 -34.90
CA LEU F 4 16.16 41.31 -33.83
C LEU F 4 15.74 39.91 -34.29
N GLY F 5 15.45 39.78 -35.57
CA GLY F 5 15.17 38.48 -36.17
C GLY F 5 16.37 37.58 -36.03
N SER F 6 17.55 38.12 -36.32
CA SER F 6 18.80 37.36 -36.22
C SER F 6 19.14 37.00 -34.78
N MET F 7 19.00 37.95 -33.87
CA MET F 7 19.20 37.67 -32.45
C MET F 7 18.35 36.47 -32.06
N GLY F 8 17.07 36.53 -32.42
CA GLY F 8 16.13 35.47 -32.08
C GLY F 8 16.54 34.14 -32.67
N ASN F 9 16.84 34.14 -33.97
CA ASN F 9 17.27 32.94 -34.67
C ASN F 9 18.44 32.25 -33.98
N LYS F 10 19.45 33.02 -33.60
CA LYS F 10 20.60 32.47 -32.90
C LYS F 10 20.23 31.78 -31.59
N VAL F 11 19.37 32.43 -30.80
CA VAL F 11 18.91 31.86 -29.54
C VAL F 11 18.05 30.61 -29.76
N ASP F 12 17.13 30.68 -30.72
CA ASP F 12 16.36 29.50 -31.11
C ASP F 12 17.31 28.37 -31.45
N LYS F 13 18.07 28.57 -32.51
CA LYS F 13 19.07 27.62 -32.97
C LYS F 13 19.81 26.95 -31.81
N LEU F 14 19.92 27.65 -30.69
CA LEU F 14 20.67 27.15 -29.53
C LEU F 14 19.79 26.53 -28.46
N ALA F 15 18.50 26.34 -28.78
CA ALA F 15 17.60 25.60 -27.90
C ALA F 15 17.27 24.28 -28.58
N GLY F 16 17.87 24.08 -29.75
CA GLY F 16 17.60 22.91 -30.56
C GLY F 16 18.29 21.66 -30.05
N VAL F 17 18.04 20.55 -30.75
CA VAL F 17 18.60 19.26 -30.39
C VAL F 17 19.51 18.76 -31.50
N GLN F 18 20.70 18.29 -31.12
CA GLN F 18 21.64 17.71 -32.09
C GLN F 18 21.91 16.24 -31.77
N GLU F 19 22.04 15.43 -32.81
CA GLU F 19 22.35 14.01 -32.64
C GLU F 19 23.84 13.72 -32.79
N LEU F 20 24.36 12.86 -31.93
CA LEU F 20 25.74 12.42 -31.98
C LEU F 20 25.79 10.93 -31.65
N SER F 21 26.32 10.13 -32.58
CA SER F 21 26.41 8.69 -32.38
C SER F 21 27.86 8.23 -32.29
N VAL F 22 28.14 7.33 -31.37
CA VAL F 22 29.48 6.80 -31.20
C VAL F 22 29.45 5.30 -30.89
N TYR F 23 30.62 4.66 -31.00
CA TYR F 23 30.75 3.26 -30.65
C TYR F 23 31.67 3.11 -29.44
N GLU F 24 31.26 2.27 -28.50
CA GLU F 24 32.12 1.91 -27.37
C GLU F 24 32.55 0.45 -27.52
N ILE F 25 33.86 0.21 -27.45
CA ILE F 25 34.39 -1.13 -27.66
C ILE F 25 35.46 -1.49 -26.63
N ASN F 26 35.26 -2.62 -25.95
CA ASN F 26 36.28 -3.14 -25.05
C ASN F 26 37.25 -4.02 -25.83
N GLU F 27 38.42 -3.47 -26.14
CA GLU F 27 39.42 -4.20 -26.90
C GLU F 27 40.38 -4.94 -25.95
N ARG F 28 40.01 -4.96 -24.67
CA ARG F 28 40.66 -5.80 -23.66
C ARG F 28 42.15 -5.51 -23.45
N ASP F 29 42.54 -4.25 -23.60
CA ASP F 29 43.93 -3.85 -23.43
C ASP F 29 44.08 -2.74 -22.40
N ARG F 30 43.04 -2.54 -21.59
CA ARG F 30 43.05 -1.48 -20.60
C ARG F 30 42.79 -2.00 -19.19
N GLY F 31 42.85 -3.30 -18.98
CA GLY F 31 42.56 -3.85 -17.70
C GLY F 31 41.12 -3.75 -17.25
N SER F 32 40.20 -3.53 -18.17
CA SER F 32 38.83 -3.26 -17.85
C SER F 32 37.95 -4.39 -18.29
N PRO F 33 37.04 -4.84 -17.45
CA PRO F 33 36.58 -4.13 -16.27
C PRO F 33 36.78 -4.91 -15.03
N VAL F 34 37.16 -4.27 -13.92
CA VAL F 34 37.30 -4.92 -12.62
C VAL F 34 35.97 -5.18 -11.95
N ILE F 35 35.86 -6.19 -11.13
CA ILE F 35 34.57 -6.47 -10.61
C ILE F 35 34.66 -6.70 -9.13
N LEU F 36 34.27 -5.71 -8.36
CA LEU F 36 34.44 -5.79 -6.93
C LEU F 36 33.22 -6.46 -6.36
N PRO F 37 33.34 -7.73 -6.08
CA PRO F 37 32.19 -8.48 -5.58
C PRO F 37 31.26 -7.56 -4.80
N SER F 51 24.99 -9.71 -7.00
CA SER F 51 24.83 -9.27 -5.61
C SER F 51 24.80 -7.75 -5.52
N LEU F 52 23.65 -7.21 -5.14
CA LEU F 52 23.55 -5.77 -4.87
C LEU F 52 24.75 -5.32 -4.06
N GLY F 53 25.61 -4.51 -4.68
CA GLY F 53 26.82 -4.04 -4.03
C GLY F 53 28.06 -4.13 -4.90
N ASP F 54 28.11 -5.13 -5.77
CA ASP F 54 29.23 -5.29 -6.70
C ASP F 54 29.53 -3.95 -7.38
N LEU F 55 30.80 -3.58 -7.39
CA LEU F 55 31.23 -2.34 -8.02
C LEU F 55 32.13 -2.66 -9.22
N VAL F 56 31.83 -2.03 -10.35
CA VAL F 56 32.58 -2.31 -11.57
C VAL F 56 33.14 -1.04 -12.23
N PRO F 57 34.38 -0.68 -11.88
CA PRO F 57 35.06 0.40 -12.60
C PRO F 57 35.37 -0.07 -14.01
N PHE F 58 35.29 0.82 -15.00
CA PHE F 58 35.51 0.41 -16.38
C PHE F 58 36.01 1.56 -17.23
N SER F 59 36.60 1.20 -18.37
CA SER F 59 37.11 2.18 -19.33
C SER F 59 37.35 1.50 -20.66
N ASN F 60 36.56 1.88 -21.66
CA ASN F 60 36.68 1.32 -23.00
C ASN F 60 37.00 2.41 -24.03
N LYS F 61 37.27 2.01 -25.27
CA LYS F 61 37.60 2.96 -26.32
C LYS F 61 36.34 3.50 -27.00
N VAL F 62 36.43 4.73 -27.51
CA VAL F 62 35.31 5.34 -28.22
C VAL F 62 35.68 5.70 -29.65
N TYR F 63 34.87 5.24 -30.59
CA TYR F 63 35.04 5.56 -32.00
C TYR F 63 33.84 6.36 -32.49
N ASP F 64 34.01 7.12 -33.57
CA ASP F 64 32.92 7.91 -34.13
C ASP F 64 31.85 7.03 -34.78
N GLY F 65 30.76 7.66 -35.20
CA GLY F 65 29.64 6.94 -35.79
C GLY F 65 29.97 6.25 -37.10
N SER F 66 30.94 6.78 -37.83
CA SER F 66 31.35 6.19 -39.10
C SER F 66 32.38 5.09 -38.89
N LEU F 67 32.83 4.95 -37.65
CA LEU F 67 33.83 3.93 -37.30
C LEU F 67 35.13 4.12 -38.07
N GLN F 68 35.45 5.37 -38.39
CA GLN F 68 36.65 5.69 -39.15
C GLN F 68 37.61 6.54 -38.33
N ARG F 69 37.20 6.89 -37.10
CA ARG F 69 38.02 7.74 -36.25
C ARG F 69 37.98 7.30 -34.79
N ARG F 70 39.16 7.14 -34.20
CA ARG F 70 39.26 6.91 -32.77
C ARG F 70 39.10 8.25 -32.05
N LEU F 71 38.08 8.35 -31.20
CA LEU F 71 37.76 9.61 -30.53
C LEU F 71 38.37 9.70 -29.13
N GLY F 72 38.26 8.62 -28.36
CA GLY F 72 38.80 8.59 -27.03
C GLY F 72 38.35 7.38 -26.22
N ILE F 73 37.84 7.63 -25.02
CA ILE F 73 37.48 6.57 -24.10
C ILE F 73 36.22 6.89 -23.30
N THR F 74 35.61 5.84 -22.73
CA THR F 74 34.67 6.01 -21.64
C THR F 74 35.45 5.78 -20.34
N ALA F 75 34.95 6.30 -19.23
CA ALA F 75 35.59 6.12 -17.93
C ALA F 75 34.60 6.36 -16.80
N GLY F 76 34.47 5.41 -15.88
CA GLY F 76 33.54 5.53 -14.78
C GLY F 76 33.30 4.24 -14.01
N ILE F 77 32.12 4.12 -13.40
CA ILE F 77 31.80 2.97 -12.57
C ILE F 77 30.35 2.54 -12.66
N CYS F 78 30.10 1.24 -12.49
CA CYS F 78 28.76 0.68 -12.41
C CYS F 78 28.55 -0.01 -11.07
N THR F 79 27.40 0.23 -10.45
CA THR F 79 27.04 -0.46 -9.23
C THR F 79 25.96 -1.49 -9.53
N LEU F 80 26.22 -2.74 -9.18
CA LEU F 80 25.28 -3.83 -9.40
C LEU F 80 24.09 -3.69 -8.46
N ILE F 81 22.89 -3.60 -9.03
CA ILE F 81 21.67 -3.33 -8.26
C ILE F 81 20.83 -4.58 -8.01
N SER F 82 20.52 -5.31 -9.08
CA SER F 82 19.65 -6.48 -8.97
C SER F 82 19.90 -7.49 -10.08
N HIS F 83 19.48 -8.73 -9.82
CA HIS F 83 19.52 -9.78 -10.82
C HIS F 83 18.09 -10.17 -11.19
N ASN F 84 17.82 -10.24 -12.48
CA ASN F 84 16.52 -10.71 -12.96
C ASN F 84 16.62 -12.13 -13.49
N ALA F 85 16.16 -13.09 -12.71
CA ALA F 85 16.22 -14.50 -13.10
C ALA F 85 15.40 -14.77 -14.35
N GLU F 86 14.23 -14.15 -14.42
CA GLU F 86 13.32 -14.31 -15.55
C GLU F 86 13.95 -13.78 -16.84
N LYS F 87 14.56 -12.60 -16.75
CA LYS F 87 15.21 -11.98 -17.91
C LYS F 87 16.65 -12.45 -18.07
N LYS F 88 17.10 -13.28 -17.14
CA LYS F 88 18.46 -13.80 -17.14
C LYS F 88 19.49 -12.68 -17.34
N GLY F 89 19.34 -11.59 -16.57
CA GLY F 89 20.25 -10.47 -16.68
C GLY F 89 20.35 -9.66 -15.40
N ASP F 90 21.19 -8.62 -15.42
CA ASP F 90 21.40 -7.79 -14.25
C ASP F 90 21.17 -6.31 -14.53
N ARG F 91 20.77 -5.58 -13.49
CA ARG F 91 20.62 -4.13 -13.56
C ARG F 91 21.76 -3.42 -12.82
N TYR F 92 22.39 -2.48 -13.51
CA TYR F 92 23.42 -1.64 -12.91
C TYR F 92 22.99 -0.18 -12.90
N GLU F 93 23.54 0.58 -11.97
CA GLU F 93 23.44 2.04 -12.00
C GLU F 93 24.84 2.60 -12.28
N ALA F 94 24.92 3.49 -13.27
CA ALA F 94 26.21 3.91 -13.79
C ALA F 94 26.43 5.42 -13.75
N GLN F 95 27.67 5.81 -13.47
CA GLN F 95 28.10 7.20 -13.62
C GLN F 95 29.43 7.19 -14.36
N TYR F 96 29.44 7.74 -15.57
CA TYR F 96 30.67 7.78 -16.37
C TYR F 96 30.69 8.90 -17.40
N SER F 97 31.84 9.09 -18.04
CA SER F 97 32.02 10.15 -19.02
C SER F 97 32.60 9.61 -20.32
N PHE F 98 32.27 10.29 -21.41
CA PHE F 98 32.84 10.01 -22.71
C PHE F 98 33.84 11.11 -23.03
N TYR F 99 35.08 10.71 -23.34
CA TYR F 99 36.13 11.69 -23.63
C TYR F 99 36.49 11.74 -25.12
N PHE F 100 36.38 12.93 -25.70
CA PHE F 100 36.57 13.12 -27.13
C PHE F 100 37.84 13.90 -27.44
N GLY F 101 38.87 13.69 -26.64
CA GLY F 101 40.12 14.42 -26.80
C GLY F 101 39.93 15.90 -26.53
N ASP F 102 40.48 16.74 -27.41
CA ASP F 102 40.42 18.18 -27.23
C ASP F 102 39.02 18.77 -27.40
N TYR F 103 38.10 17.98 -27.96
CA TYR F 103 36.71 18.43 -28.13
C TYR F 103 36.03 18.65 -26.78
N GLY F 104 36.48 17.91 -25.78
CA GLY F 104 35.87 17.96 -24.45
C GLY F 104 35.28 16.61 -24.10
N HIS F 105 34.44 16.57 -23.07
CA HIS F 105 33.81 15.32 -22.67
C HIS F 105 32.34 15.50 -22.32
N ILE F 106 31.62 14.38 -22.27
CA ILE F 106 30.22 14.36 -21.90
C ILE F 106 30.00 13.40 -20.74
N SER F 107 29.32 13.86 -19.70
CA SER F 107 29.07 13.03 -18.54
C SER F 107 27.64 12.49 -18.52
N VAL F 108 27.48 11.24 -18.12
CA VAL F 108 26.17 10.61 -18.08
C VAL F 108 25.87 9.93 -16.75
N GLN F 109 24.58 9.71 -16.49
CA GLN F 109 24.13 9.07 -15.27
C GLN F 109 22.86 8.30 -15.59
N GLY F 110 22.79 7.04 -15.18
CA GLY F 110 21.62 6.23 -15.50
C GLY F 110 21.86 4.74 -15.48
N PRO F 111 20.88 3.98 -16.00
CA PRO F 111 20.87 2.52 -15.88
C PRO F 111 21.60 1.81 -17.02
N TYR F 112 22.35 0.78 -16.67
CA TYR F 112 22.85 -0.17 -17.65
C TYR F 112 22.30 -1.55 -17.34
N ILE F 113 21.53 -2.10 -18.28
CA ILE F 113 20.87 -3.38 -18.08
C ILE F 113 21.38 -4.40 -19.10
N THR F 114 21.94 -5.50 -18.60
CA THR F 114 22.65 -6.45 -19.45
C THR F 114 21.80 -7.05 -20.57
N TYR F 115 20.48 -7.08 -20.40
CA TYR F 115 19.62 -7.75 -21.37
C TYR F 115 18.78 -6.82 -22.25
N GLU F 116 18.77 -5.52 -21.96
CA GLU F 116 17.96 -4.60 -22.75
C GLU F 116 18.54 -3.18 -22.87
N ASP F 117 18.21 -2.51 -23.97
CA ASP F 117 18.63 -1.13 -24.21
C ASP F 117 18.08 -0.18 -23.15
N THR F 118 18.83 0.87 -22.83
CA THR F 118 18.38 1.85 -21.86
C THR F 118 18.68 3.28 -22.31
N GLU F 119 18.15 4.25 -21.57
CA GLU F 119 18.42 5.66 -21.84
C GLU F 119 19.10 6.29 -20.62
N LEU F 120 20.15 7.06 -20.88
CA LEU F 120 20.93 7.70 -19.81
C LEU F 120 20.72 9.21 -19.80
N VAL F 121 20.87 9.81 -18.63
CA VAL F 121 20.85 11.26 -18.50
C VAL F 121 22.19 11.86 -18.92
N VAL F 122 22.15 12.86 -19.79
CA VAL F 122 23.34 13.65 -20.07
C VAL F 122 23.40 14.78 -19.05
N THR F 123 24.35 14.70 -18.13
CA THR F 123 24.42 15.64 -17.01
C THR F 123 25.12 16.95 -17.40
N GLY F 124 25.82 16.92 -18.53
CA GLY F 124 26.52 18.10 -19.01
C GLY F 124 27.74 17.73 -19.83
N GLY F 125 28.53 18.74 -20.18
CA GLY F 125 29.75 18.51 -20.95
C GLY F 125 30.77 19.62 -20.79
N THR F 126 31.91 19.45 -21.43
CA THR F 126 32.96 20.47 -21.48
C THR F 126 33.36 20.73 -22.92
N GLY F 127 34.22 21.72 -23.13
CA GLY F 127 34.69 22.04 -24.47
C GLY F 127 33.53 22.47 -25.36
N ILE F 128 33.41 21.84 -26.52
CA ILE F 128 32.29 22.13 -27.43
C ILE F 128 30.98 21.62 -26.86
N PHE F 129 31.05 20.79 -25.81
CA PHE F 129 29.84 20.24 -25.21
C PHE F 129 29.42 21.03 -23.98
N ALA F 130 30.13 22.12 -23.70
CA ALA F 130 29.88 22.92 -22.51
C ALA F 130 28.44 23.43 -22.43
N GLY F 131 27.79 23.13 -21.30
CA GLY F 131 26.44 23.61 -21.06
C GLY F 131 25.35 22.75 -21.66
N CYS F 132 25.73 21.66 -22.30
CA CYS F 132 24.75 20.78 -22.95
C CYS F 132 23.89 20.05 -21.93
N HIS F 133 22.72 19.62 -22.39
CA HIS F 133 21.85 18.77 -21.60
C HIS F 133 21.03 17.89 -22.54
N GLY F 134 20.54 16.76 -22.03
CA GLY F 134 19.76 15.86 -22.86
C GLY F 134 19.84 14.40 -22.40
N VAL F 135 19.77 13.49 -23.36
CA VAL F 135 19.78 12.07 -23.06
C VAL F 135 20.66 11.28 -24.02
N ALA F 136 21.08 10.09 -23.60
CA ALA F 136 21.86 9.20 -24.43
C ALA F 136 21.20 7.83 -24.53
N LYS F 137 21.01 7.34 -25.75
CA LYS F 137 20.43 6.02 -25.95
C LYS F 137 21.50 4.95 -26.01
N LEU F 138 21.45 4.01 -25.05
CA LEU F 138 22.44 2.94 -24.98
C LEU F 138 21.92 1.66 -25.64
N HIS F 139 22.65 1.18 -26.64
CA HIS F 139 22.27 -0.05 -27.34
C HIS F 139 23.42 -1.05 -27.35
N GLN F 140 23.23 -2.17 -26.67
CA GLN F 140 24.28 -3.20 -26.58
C GLN F 140 24.26 -4.10 -27.80
N ILE F 141 25.39 -4.16 -28.51
CA ILE F 141 25.49 -4.98 -29.72
C ILE F 141 25.98 -6.38 -29.38
N ILE F 142 27.14 -6.44 -28.72
CA ILE F 142 27.70 -7.71 -28.26
C ILE F 142 28.00 -7.63 -26.77
N PHE F 143 27.26 -8.38 -25.97
CA PHE F 143 27.48 -8.40 -24.53
C PHE F 143 28.82 -9.04 -24.19
N PRO F 144 29.65 -8.33 -23.42
CA PRO F 144 29.44 -6.95 -22.97
C PRO F 144 30.47 -6.00 -23.58
N VAL F 145 31.01 -6.35 -24.75
CA VAL F 145 32.19 -5.67 -25.25
C VAL F 145 31.98 -4.67 -26.39
N LYS F 146 30.77 -4.61 -26.94
CA LYS F 146 30.50 -3.68 -28.03
C LYS F 146 29.15 -2.98 -27.88
N LEU F 147 29.20 -1.66 -27.67
CA LEU F 147 27.99 -0.86 -27.47
C LEU F 147 27.87 0.28 -28.47
N PHE F 148 26.65 0.78 -28.63
CA PHE F 148 26.36 1.89 -29.53
C PHE F 148 25.51 2.93 -28.82
N TYR F 149 25.91 4.20 -28.92
CA TYR F 149 25.16 5.27 -28.28
C TYR F 149 24.73 6.35 -29.26
N THR F 150 23.55 6.91 -29.04
CA THR F 150 23.17 8.15 -29.71
C THR F 150 22.83 9.21 -28.66
N PHE F 151 23.58 10.31 -28.69
CA PHE F 151 23.33 11.43 -27.79
C PHE F 151 22.37 12.40 -28.44
N TYR F 152 21.38 12.87 -27.68
CA TYR F 152 20.52 13.95 -28.12
C TYR F 152 20.84 15.17 -27.28
N LEU F 153 21.68 16.05 -27.82
CA LEU F 153 22.26 17.14 -27.05
C LEU F 153 21.57 18.48 -27.33
N GLN F 154 21.33 19.23 -26.26
CA GLN F 154 20.65 20.52 -26.37
C GLN F 154 21.44 21.63 -25.70
N GLY F 155 21.47 22.80 -26.36
CA GLY F 155 22.05 23.99 -25.77
C GLY F 155 23.47 24.32 -26.16
N ILE F 156 23.97 23.70 -27.23
CA ILE F 156 25.35 23.93 -27.67
C ILE F 156 25.43 24.27 -29.16
N LYS F 157 26.54 24.89 -29.56
CA LYS F 157 26.73 25.28 -30.95
C LYS F 157 26.81 24.07 -31.87
N LYS F 158 26.72 24.31 -33.17
CA LYS F 158 26.77 23.23 -34.16
C LYS F 158 28.00 22.36 -33.97
N LEU F 159 27.80 21.05 -33.94
CA LEU F 159 28.90 20.11 -33.83
C LEU F 159 29.78 20.18 -35.07
N PRO F 160 31.08 19.94 -34.92
CA PRO F 160 31.97 19.90 -36.08
C PRO F 160 31.68 18.68 -36.96
N GLU F 161 31.85 18.83 -38.27
CA GLU F 161 31.50 17.77 -39.21
C GLU F 161 32.27 16.47 -38.94
N GLU F 162 33.47 16.59 -38.40
CA GLU F 162 34.28 15.42 -38.07
C GLU F 162 33.54 14.44 -37.18
N LEU F 163 32.60 14.97 -36.39
CA LEU F 163 31.82 14.16 -35.46
C LEU F 163 30.43 13.86 -36.00
N CYS F 164 30.16 14.31 -37.23
CA CYS F 164 28.84 14.12 -37.83
C CYS F 164 28.89 13.33 -39.13
N ALA F 165 29.91 12.48 -39.29
CA ALA F 165 30.00 11.63 -40.47
C ALA F 165 28.85 10.63 -40.51
N SER F 166 28.47 10.18 -41.70
CA SER F 166 27.38 9.23 -41.86
C SER F 166 27.59 8.01 -40.97
N VAL F 167 26.57 7.68 -40.17
CA VAL F 167 26.70 6.63 -39.17
C VAL F 167 26.55 5.23 -39.76
N VAL F 168 27.40 4.31 -39.31
CA VAL F 168 27.27 2.91 -39.68
C VAL F 168 26.20 2.26 -38.81
N PRO F 169 25.22 1.59 -39.45
CA PRO F 169 24.18 0.89 -38.69
C PRO F 169 24.80 -0.15 -37.76
N PRO F 170 24.43 -0.11 -36.47
CA PRO F 170 25.01 -1.02 -35.47
C PRO F 170 24.67 -2.49 -35.75
N SER F 171 25.71 -3.32 -35.82
CA SER F 171 25.54 -4.76 -35.99
C SER F 171 26.75 -5.44 -35.36
N PRO F 172 26.62 -6.75 -35.08
CA PRO F 172 27.76 -7.48 -34.52
C PRO F 172 29.00 -7.39 -35.40
N SER F 173 28.80 -7.19 -36.70
CA SER F 173 29.91 -7.18 -37.65
C SER F 173 30.54 -5.80 -37.82
N ALA F 174 29.96 -4.79 -37.20
CA ALA F 174 30.48 -3.43 -37.30
C ALA F 174 31.86 -3.33 -36.64
N GLU F 175 32.86 -2.92 -37.42
CA GLU F 175 34.23 -2.84 -36.94
C GLU F 175 34.88 -1.51 -37.31
N PRO F 176 35.77 -1.01 -36.44
CA PRO F 176 36.56 0.20 -36.74
C PRO F 176 37.55 -0.09 -37.86
N SER F 177 37.93 0.93 -38.62
CA SER F 177 38.88 0.74 -39.72
C SER F 177 40.24 0.32 -39.18
N GLU F 178 41.10 -0.16 -40.07
CA GLU F 178 42.42 -0.59 -39.68
C GLU F 178 43.21 0.58 -39.12
N GLN F 179 43.08 1.74 -39.76
CA GLN F 179 43.84 2.93 -39.38
C GLN F 179 43.41 3.49 -38.02
N ALA F 180 42.10 3.44 -37.75
CA ALA F 180 41.57 3.92 -36.47
C ALA F 180 42.04 3.05 -35.32
N LYS F 181 41.98 1.73 -35.51
CA LYS F 181 42.46 0.80 -34.48
C LYS F 181 43.90 1.09 -34.09
N LYS F 182 44.72 1.39 -35.09
CA LYS F 182 46.13 1.64 -34.88
C LYS F 182 46.40 3.09 -34.46
N CYS F 183 45.33 3.87 -34.35
CA CYS F 183 45.43 5.27 -33.95
C CYS F 183 46.32 6.08 -34.90
N HIS F 184 46.11 5.87 -36.20
CA HIS F 184 46.82 6.62 -37.23
C HIS F 184 46.39 8.07 -37.18
N PRO F 185 47.33 9.01 -37.37
CA PRO F 185 47.05 10.45 -37.31
C PRO F 185 45.85 10.86 -38.16
N SER F 186 45.64 10.18 -39.28
CA SER F 186 44.54 10.51 -40.17
C SER F 186 43.20 10.01 -39.63
N SER F 187 43.26 9.19 -38.59
CA SER F 187 42.06 8.53 -38.08
C SER F 187 41.87 8.71 -36.58
N VAL F 188 42.34 9.82 -36.03
CA VAL F 188 42.16 10.11 -34.62
C VAL F 188 41.68 11.54 -34.39
N ALA F 189 40.88 11.73 -33.34
CA ALA F 189 40.49 13.07 -32.91
C ALA F 189 41.72 13.79 -32.38
N PRO F 190 41.70 15.13 -32.42
CA PRO F 190 42.84 15.91 -31.90
C PRO F 190 43.17 15.50 -30.47
N ASN F 191 44.39 15.03 -30.26
CA ASN F 191 44.82 14.55 -28.94
C ASN F 191 43.80 13.57 -28.37
N PHE F 192 43.43 12.58 -29.17
CA PHE F 192 42.45 11.58 -28.75
C PHE F 192 42.77 11.03 -27.37
N THR F 193 41.75 10.99 -26.51
CA THR F 193 41.94 10.54 -25.13
C THR F 193 42.36 9.07 -25.09
N ASN F 194 43.36 8.78 -24.26
CA ASN F 194 43.85 7.41 -24.13
C ASN F 194 44.35 7.15 -22.71
C1 MPD G . -16.48 -27.33 16.66
C1 MPD G . -18.11 -27.75 16.45
C2 MPD G . -17.01 -28.59 16.00
C2 MPD G . -17.13 -28.51 17.34
O2 MPD G . -16.13 -28.95 14.91
O2 MPD G . -15.84 -27.85 17.29
CM MPD G . -17.03 -29.74 17.01
CM MPD G . -16.97 -29.93 16.82
C3 MPD G . -18.43 -28.37 15.48
C3 MPD G . -17.63 -28.52 18.77
C4 MPD G . -18.45 -27.85 14.04
C4 MPD G . -17.31 -29.85 19.46
O4 MPD G . -18.36 -28.93 13.15
O4 MPD G . -16.50 -29.60 20.59
C5 MPD G . -19.73 -27.09 13.78
C5 MPD G . -18.57 -30.59 19.89
C1 IPA H . -36.95 -21.88 -8.94
C2 IPA H . -35.94 -21.06 -8.14
C3 IPA H . -34.62 -20.98 -8.91
O2 IPA H . -36.45 -19.74 -7.92
C1 IPA I . -34.60 1.31 -4.28
C2 IPA I . -36.03 1.11 -4.76
C3 IPA I . -36.01 0.86 -6.28
O2 IPA I . -36.62 0.00 -4.09
C1 IPA J . -8.71 -4.95 12.48
C2 IPA J . -9.94 -5.76 12.85
C3 IPA J . -10.16 -5.70 14.35
O2 IPA J . -11.09 -5.21 12.17
C1 MPD K . 19.71 5.04 3.90
C2 MPD K . 19.85 5.11 2.38
O2 MPD K . 21.26 4.95 2.06
CM MPD K . 19.09 3.97 1.72
C3 MPD K . 19.38 6.48 1.89
C4 MPD K . 18.75 6.44 0.51
O4 MPD K . 17.45 5.91 0.62
C5 MPD K . 18.66 7.83 -0.10
S SO4 L . -12.92 -2.99 23.02
O1 SO4 L . -12.57 -1.95 22.06
O2 SO4 L . -11.74 -3.81 23.30
O3 SO4 L . -13.37 -2.38 24.26
O4 SO4 L . -13.98 -3.82 22.48
C1 MPD M . -26.86 -9.75 30.99
C2 MPD M . -27.31 -10.72 29.90
O2 MPD M . -27.94 -11.87 30.50
CM MPD M . -26.09 -11.18 29.10
C3 MPD M . -28.32 -10.04 28.98
C4 MPD M . -28.97 -11.05 28.06
O4 MPD M . -29.97 -11.74 28.78
C5 MPD M . -29.60 -10.36 26.85
C1 IPA N . 11.77 39.30 -9.10
C1 IPA N . 11.61 37.97 -8.77
C2 IPA N . 11.95 38.09 -8.17
C2 IPA N . 11.49 36.52 -9.25
C3 IPA N . 12.32 36.85 -9.00
C3 IPA N . 12.23 35.61 -8.27
O2 IPA N . 12.99 38.36 -7.23
O2 IPA N . 10.12 36.14 -9.32
C1 IPA O . 49.39 14.12 1.07
C2 IPA O . 49.06 12.79 1.74
C3 IPA O . 49.16 12.94 3.27
O2 IPA O . 47.73 12.40 1.41
C1 IPA P . 45.89 12.13 -5.77
C2 IPA P . 44.88 10.98 -5.77
C3 IPA P . 45.37 9.86 -4.85
O2 IPA P . 43.62 11.47 -5.32
C1 MRD Q . 29.63 0.20 -18.44
C2 MRD Q . 29.42 -0.30 -19.86
O2 MRD Q . 30.56 0.08 -20.68
CM MRD Q . 28.18 0.38 -20.45
C3 MRD Q . 29.26 -1.82 -19.91
C4 MRD Q . 30.19 -2.59 -18.97
O4 MRD Q . 29.81 -2.41 -17.62
C5 MRD Q . 31.66 -2.23 -19.15
C1 IPA R . 30.91 -7.08 -18.05
C2 IPA R . 29.77 -7.53 -17.14
C3 IPA R . 30.20 -7.38 -15.68
O2 IPA R . 28.62 -6.70 -17.38
#